data_3SVM
# 
_entry.id   3SVM 
# 
_audit_conform.dict_name       mmcif_pdbx.dic 
_audit_conform.dict_version    5.379 
_audit_conform.dict_location   http://mmcif.pdb.org/dictionaries/ascii/mmcif_pdbx.dic 
# 
loop_
_database_2.database_id 
_database_2.database_code 
_database_2.pdbx_database_accession 
_database_2.pdbx_DOI 
PDB   3SVM         pdb_00003svm 10.2210/pdb3svm/pdb 
RCSB  RCSB066707   ?            ?                   
WWPDB D_1000066707 ?            ?                   
# 
loop_
_pdbx_database_related.db_name 
_pdbx_database_related.db_id 
_pdbx_database_related.details 
_pdbx_database_related.content_type 
PDB 3QO2 'MPP8-H3K9me2 peptide' unspecified 
PDB 3SWC .                      unspecified 
PDB 3SW9 .                      unspecified 
# 
_pdbx_database_status.status_code                     REL 
_pdbx_database_status.entry_id                        3SVM 
_pdbx_database_status.recvd_initial_deposition_date   2011-07-12 
_pdbx_database_status.deposit_site                    RCSB 
_pdbx_database_status.process_site                    RCSB 
_pdbx_database_status.status_code_sf                  REL 
_pdbx_database_status.status_code_mr                  ? 
_pdbx_database_status.SG_entry                        ? 
_pdbx_database_status.status_code_cs                  ? 
_pdbx_database_status.pdb_format_compatible           Y 
_pdbx_database_status.status_code_nmr_data            ? 
_pdbx_database_status.methods_development_category    ? 
# 
loop_
_audit_author.name 
_audit_author.pdbx_ordinal 
'Chang, Y.'    1 
'Horton, J.R.' 2 
'Zhang, X.'    3 
'Cheng, X.'    4 
# 
_citation.id                        primary 
_citation.title                     
'MPP8 mediates the interactions between DNA methyltransferase Dnmt3a and H3K9 methyltransferase GLP/G9a.' 
_citation.journal_abbrev            'Nat Commun' 
_citation.journal_volume            2 
_citation.page_first                533 
_citation.page_last                 533 
_citation.year                      2011 
_citation.journal_id_ASTM           ? 
_citation.country                   UK 
_citation.journal_id_ISSN           2041-1723 
_citation.journal_id_CSD            ? 
_citation.book_publisher            ? 
_citation.pdbx_database_id_PubMed   22086334 
_citation.pdbx_database_id_DOI      10.1038/ncomms1549 
# 
loop_
_citation_author.citation_id 
_citation_author.name 
_citation_author.ordinal 
_citation_author.identifier_ORCID 
primary 'Chang, Y.'     1  ? 
primary 'Sun, L.'       2  ? 
primary 'Kokura, K.'    3  ? 
primary 'Horton, J.R.'  4  ? 
primary 'Fukuda, M.'    5  ? 
primary 'Espejo, A.'    6  ? 
primary 'Izumi, V.'     7  ? 
primary 'Koomen, J.M.'  8  ? 
primary 'Bedford, M.T.' 9  ? 
primary 'Zhang, X.'     10 ? 
primary 'Shinkai, Y.'   11 ? 
primary 'Fang, J.'      12 ? 
primary 'Cheng, X.'     13 ? 
# 
_cell.entry_id           3SVM 
_cell.length_a           41.090 
_cell.length_b           43.900 
_cell.length_c           90.280 
_cell.angle_alpha        90.00 
_cell.angle_beta         90.00 
_cell.angle_gamma        90.00 
_cell.Z_PDB              8 
_cell.pdbx_unique_axis   ? 
_cell.length_a_esd       ? 
_cell.length_b_esd       ? 
_cell.length_c_esd       ? 
_cell.angle_alpha_esd    ? 
_cell.angle_beta_esd     ? 
_cell.angle_gamma_esd    ? 
# 
_symmetry.entry_id                         3SVM 
_symmetry.space_group_name_H-M             'I 2 2 2' 
_symmetry.pdbx_full_space_group_name_H-M   ? 
_symmetry.cell_setting                     ? 
_symmetry.Int_Tables_number                23 
_symmetry.space_group_name_Hall            ? 
# 
loop_
_entity.id 
_entity.type 
_entity.src_method 
_entity.pdbx_description 
_entity.formula_weight 
_entity.pdbx_number_of_molecules 
_entity.pdbx_ec 
_entity.pdbx_mutation 
_entity.pdbx_fragment 
_entity.details 
1 polymer man 'M-phase phosphoprotein 8'              7344.350 1  ?        ? 'unp residues 55-116' ? 
2 polymer syn 'DNA (cytosine-5)-methyltransferase 3A' 1705.937 1  2.1.1.37 ? 'unp residues 40-53'  ? 
3 water   nat water                                   18.015   24 ?        ? ?                     ? 
# 
loop_
_entity_name_com.entity_id 
_entity_name_com.name 
1 'Two hybrid-associated protein 3 with RanBPM, Twa3'                   
2 'Dnmt3a, DNA methyltransferase HsaIIIA, DNA MTase HsaIIIA, M.HsaIIIA' 
# 
loop_
_entity_poly.entity_id 
_entity_poly.type 
_entity_poly.nstd_linkage 
_entity_poly.nstd_monomer 
_entity_poly.pdbx_seq_one_letter_code 
_entity_poly.pdbx_seq_one_letter_code_can 
_entity_poly.pdbx_strand_id 
_entity_poly.pdbx_target_identifier 
1 'polypeptide(L)' no no  GEDVFEVEKILDMKTEGGKVLYKVRWKGYTSDDDTWEPEIHLEDCKEVLLEFRKKIAENKAK 
GEDVFEVEKILDMKTEGGKVLYKVRWKGYTSDDDTWEPEIHLEDCKEVLLEFRKKIAENKAK A ? 
2 'polypeptide(L)' no yes 'YEPSTTAR(MLY)VGRPGR'                                          YEPSTTARKVGRPGR P ? 
# 
loop_
_entity_poly_seq.entity_id 
_entity_poly_seq.num 
_entity_poly_seq.mon_id 
_entity_poly_seq.hetero 
1 1  GLY n 
1 2  GLU n 
1 3  ASP n 
1 4  VAL n 
1 5  PHE n 
1 6  GLU n 
1 7  VAL n 
1 8  GLU n 
1 9  LYS n 
1 10 ILE n 
1 11 LEU n 
1 12 ASP n 
1 13 MET n 
1 14 LYS n 
1 15 THR n 
1 16 GLU n 
1 17 GLY n 
1 18 GLY n 
1 19 LYS n 
1 20 VAL n 
1 21 LEU n 
1 22 TYR n 
1 23 LYS n 
1 24 VAL n 
1 25 ARG n 
1 26 TRP n 
1 27 LYS n 
1 28 GLY n 
1 29 TYR n 
1 30 THR n 
1 31 SER n 
1 32 ASP n 
1 33 ASP n 
1 34 ASP n 
1 35 THR n 
1 36 TRP n 
1 37 GLU n 
1 38 PRO n 
1 39 GLU n 
1 40 ILE n 
1 41 HIS n 
1 42 LEU n 
1 43 GLU n 
1 44 ASP n 
1 45 CYS n 
1 46 LYS n 
1 47 GLU n 
1 48 VAL n 
1 49 LEU n 
1 50 LEU n 
1 51 GLU n 
1 52 PHE n 
1 53 ARG n 
1 54 LYS n 
1 55 LYS n 
1 56 ILE n 
1 57 ALA n 
1 58 GLU n 
1 59 ASN n 
1 60 LYS n 
1 61 ALA n 
1 62 LYS n 
2 1  TYR n 
2 2  GLU n 
2 3  PRO n 
2 4  SER n 
2 5  THR n 
2 6  THR n 
2 7  ALA n 
2 8  ARG n 
2 9  MLY n 
2 10 VAL n 
2 11 GLY n 
2 12 ARG n 
2 13 PRO n 
2 14 GLY n 
2 15 ARG n 
# 
_entity_src_gen.entity_id                          1 
_entity_src_gen.pdbx_src_id                        1 
_entity_src_gen.pdbx_alt_source_flag               sample 
_entity_src_gen.pdbx_seq_type                      ? 
_entity_src_gen.pdbx_beg_seq_num                   ? 
_entity_src_gen.pdbx_end_seq_num                   ? 
_entity_src_gen.gene_src_common_name               human 
_entity_src_gen.gene_src_genus                     ? 
_entity_src_gen.pdbx_gene_src_gene                 'MPHOSPH8, MPP8' 
_entity_src_gen.gene_src_species                   ? 
_entity_src_gen.gene_src_strain                    ? 
_entity_src_gen.gene_src_tissue                    ? 
_entity_src_gen.gene_src_tissue_fraction           ? 
_entity_src_gen.gene_src_details                   '6xHis-SUMO tag' 
_entity_src_gen.pdbx_gene_src_fragment             ? 
_entity_src_gen.pdbx_gene_src_scientific_name      'Homo sapiens' 
_entity_src_gen.pdbx_gene_src_ncbi_taxonomy_id     9606 
_entity_src_gen.pdbx_gene_src_variant              ? 
_entity_src_gen.pdbx_gene_src_cell_line            ? 
_entity_src_gen.pdbx_gene_src_atcc                 ? 
_entity_src_gen.pdbx_gene_src_organ                ? 
_entity_src_gen.pdbx_gene_src_organelle            ? 
_entity_src_gen.pdbx_gene_src_cell                 ? 
_entity_src_gen.pdbx_gene_src_cellular_location    ? 
_entity_src_gen.host_org_common_name               ? 
_entity_src_gen.pdbx_host_org_scientific_name      'Escherichia coli' 
_entity_src_gen.pdbx_host_org_ncbi_taxonomy_id     562 
_entity_src_gen.host_org_genus                     ? 
_entity_src_gen.pdbx_host_org_gene                 ? 
_entity_src_gen.pdbx_host_org_organ                ? 
_entity_src_gen.host_org_species                   ? 
_entity_src_gen.pdbx_host_org_tissue               ? 
_entity_src_gen.pdbx_host_org_tissue_fraction      ? 
_entity_src_gen.pdbx_host_org_strain               ? 
_entity_src_gen.pdbx_host_org_variant              ? 
_entity_src_gen.pdbx_host_org_cell_line            ? 
_entity_src_gen.pdbx_host_org_atcc                 ? 
_entity_src_gen.pdbx_host_org_culture_collection   ? 
_entity_src_gen.pdbx_host_org_cell                 ? 
_entity_src_gen.pdbx_host_org_organelle            ? 
_entity_src_gen.pdbx_host_org_cellular_location    ? 
_entity_src_gen.pdbx_host_org_vector_type          plasmid 
_entity_src_gen.pdbx_host_org_vector               ? 
_entity_src_gen.host_org_details                   ? 
_entity_src_gen.expression_system_id               ? 
_entity_src_gen.plasmid_name                       pXC941 
_entity_src_gen.plasmid_details                    ? 
_entity_src_gen.pdbx_description                   ? 
# 
_pdbx_entity_src_syn.entity_id              2 
_pdbx_entity_src_syn.pdbx_src_id            1 
_pdbx_entity_src_syn.pdbx_alt_source_flag   sample 
_pdbx_entity_src_syn.pdbx_beg_seq_num       ? 
_pdbx_entity_src_syn.pdbx_end_seq_num       ? 
_pdbx_entity_src_syn.organism_scientific    'Homo sapiens' 
_pdbx_entity_src_syn.organism_common_name   human 
_pdbx_entity_src_syn.ncbi_taxonomy_id       9606 
_pdbx_entity_src_syn.details                ? 
# 
loop_
_struct_ref.id 
_struct_ref.db_name 
_struct_ref.db_code 
_struct_ref.pdbx_db_accession 
_struct_ref.entity_id 
_struct_ref.pdbx_seq_one_letter_code 
_struct_ref.pdbx_align_begin 
_struct_ref.pdbx_db_isoform 
1 UNP MPP8_HUMAN  Q99549 1 GEDVFEVEKILDMKTEGGKVLYKVRWKGYTSDDDTWEPEIHLEDCKEVLLEFRKKIAENKAK 55 ? 
2 UNP DNM3A_HUMAN Q9Y6K1 2 EPSTTARKVGRPGR                                                 40 ? 
# 
loop_
_struct_ref_seq.align_id 
_struct_ref_seq.ref_id 
_struct_ref_seq.pdbx_PDB_id_code 
_struct_ref_seq.pdbx_strand_id 
_struct_ref_seq.seq_align_beg 
_struct_ref_seq.pdbx_seq_align_beg_ins_code 
_struct_ref_seq.seq_align_end 
_struct_ref_seq.pdbx_seq_align_end_ins_code 
_struct_ref_seq.pdbx_db_accession 
_struct_ref_seq.db_align_beg 
_struct_ref_seq.pdbx_db_align_beg_ins_code 
_struct_ref_seq.db_align_end 
_struct_ref_seq.pdbx_db_align_end_ins_code 
_struct_ref_seq.pdbx_auth_seq_align_beg 
_struct_ref_seq.pdbx_auth_seq_align_end 
1 1 3SVM A 1 ? 62 ? Q99549 55 ? 116 ? 55 116 
2 2 3SVM P 2 ? 15 ? Q9Y6K1 40 ? 53  ? 40 53  
# 
_struct_ref_seq_dif.align_id                     2 
_struct_ref_seq_dif.pdbx_pdb_id_code             3SVM 
_struct_ref_seq_dif.mon_id                       TYR 
_struct_ref_seq_dif.pdbx_pdb_strand_id           P 
_struct_ref_seq_dif.seq_num                      1 
_struct_ref_seq_dif.pdbx_pdb_ins_code            ? 
_struct_ref_seq_dif.pdbx_seq_db_name             UNP 
_struct_ref_seq_dif.pdbx_seq_db_accession_code   Q9Y6K1 
_struct_ref_seq_dif.db_mon_id                    ? 
_struct_ref_seq_dif.pdbx_seq_db_seq_num          ? 
_struct_ref_seq_dif.details                      'expression tag' 
_struct_ref_seq_dif.pdbx_auth_seq_num            39 
_struct_ref_seq_dif.pdbx_ordinal                 1 
# 
loop_
_chem_comp.id 
_chem_comp.type 
_chem_comp.mon_nstd_flag 
_chem_comp.name 
_chem_comp.pdbx_synonyms 
_chem_comp.formula 
_chem_comp.formula_weight 
ALA 'L-peptide linking' y ALANINE           ? 'C3 H7 N O2'     89.093  
ARG 'L-peptide linking' y ARGININE          ? 'C6 H15 N4 O2 1' 175.209 
ASN 'L-peptide linking' y ASPARAGINE        ? 'C4 H8 N2 O3'    132.118 
ASP 'L-peptide linking' y 'ASPARTIC ACID'   ? 'C4 H7 N O4'     133.103 
CYS 'L-peptide linking' y CYSTEINE          ? 'C3 H7 N O2 S'   121.158 
GLU 'L-peptide linking' y 'GLUTAMIC ACID'   ? 'C5 H9 N O4'     147.129 
GLY 'peptide linking'   y GLYCINE           ? 'C2 H5 N O2'     75.067  
HIS 'L-peptide linking' y HISTIDINE         ? 'C6 H10 N3 O2 1' 156.162 
HOH non-polymer         . WATER             ? 'H2 O'           18.015  
ILE 'L-peptide linking' y ISOLEUCINE        ? 'C6 H13 N O2'    131.173 
LEU 'L-peptide linking' y LEUCINE           ? 'C6 H13 N O2'    131.173 
LYS 'L-peptide linking' y LYSINE            ? 'C6 H15 N2 O2 1' 147.195 
MET 'L-peptide linking' y METHIONINE        ? 'C5 H11 N O2 S'  149.211 
MLY 'L-peptide linking' n N-DIMETHYL-LYSINE ? 'C8 H18 N2 O2'   174.241 
PHE 'L-peptide linking' y PHENYLALANINE     ? 'C9 H11 N O2'    165.189 
PRO 'L-peptide linking' y PROLINE           ? 'C5 H9 N O2'     115.130 
SER 'L-peptide linking' y SERINE            ? 'C3 H7 N O3'     105.093 
THR 'L-peptide linking' y THREONINE         ? 'C4 H9 N O3'     119.119 
TRP 'L-peptide linking' y TRYPTOPHAN        ? 'C11 H12 N2 O2'  204.225 
TYR 'L-peptide linking' y TYROSINE          ? 'C9 H11 N O3'    181.189 
VAL 'L-peptide linking' y VALINE            ? 'C5 H11 N O2'    117.146 
# 
_exptl.entry_id          3SVM 
_exptl.method            'X-RAY DIFFRACTION' 
_exptl.crystals_number   ? 
# 
_exptl_crystal.id                    1 
_exptl_crystal.density_meas          ? 
_exptl_crystal.density_Matthews      2.24 
_exptl_crystal.density_percent_sol   45.21 
_exptl_crystal.description           ? 
_exptl_crystal.F_000                 ? 
_exptl_crystal.preparation           ? 
# 
_exptl_crystal_grow.crystal_id      1 
_exptl_crystal_grow.method          'VAPOR DIFFUSION, HANGING DROP' 
_exptl_crystal_grow.temp            289 
_exptl_crystal_grow.temp_details    ? 
_exptl_crystal_grow.pH              7.5 
_exptl_crystal_grow.pdbx_pH_range   ? 
_exptl_crystal_grow.pdbx_details    
'30% polyethylene glycol 1500, 20% polyethylene glycol 400 and 0.1 M Hepes, pH 7.5, VAPOR DIFFUSION, HANGING DROP, temperature 289K' 
# 
_diffrn.id                     1 
_diffrn.ambient_temp           100 
_diffrn.ambient_temp_details   ? 
_diffrn.crystal_id             1 
# 
_diffrn_detector.diffrn_id              1 
_diffrn_detector.detector               CCD 
_diffrn_detector.type                   'MARMOSAIC 300 mm CCD' 
_diffrn_detector.pdbx_collection_date   2011-04-21 
_diffrn_detector.details                ? 
# 
_diffrn_radiation.diffrn_id                        1 
_diffrn_radiation.wavelength_id                    1 
_diffrn_radiation.pdbx_monochromatic_or_laue_m_l   M 
_diffrn_radiation.monochromator                    'Si(111)' 
_diffrn_radiation.pdbx_diffrn_protocol             'SINGLE WAVELENGTH' 
_diffrn_radiation.pdbx_scattering_type             x-ray 
# 
_diffrn_radiation_wavelength.id           1 
_diffrn_radiation_wavelength.wavelength   1.0 
_diffrn_radiation_wavelength.wt           1.0 
# 
_diffrn_source.diffrn_id                   1 
_diffrn_source.source                      SYNCHROTRON 
_diffrn_source.type                        'APS BEAMLINE 22-ID' 
_diffrn_source.pdbx_synchrotron_site       APS 
_diffrn_source.pdbx_synchrotron_beamline   22-ID 
_diffrn_source.pdbx_wavelength             ? 
_diffrn_source.pdbx_wavelength_list        1.0 
# 
_reflns.pdbx_diffrn_id               1 
_reflns.pdbx_ordinal                 1 
_reflns.entry_id                     3SVM 
_reflns.observed_criterion_sigma_I   -3.0 
_reflns.observed_criterion_sigma_F   ? 
_reflns.d_resolution_low             30 
_reflns.d_resolution_high            2.29 
_reflns.number_obs                   3624 
_reflns.number_all                   ? 
_reflns.percent_possible_obs         96.3 
_reflns.pdbx_Rmerge_I_obs            0.056 
_reflns.pdbx_Rsym_value              ? 
_reflns.pdbx_netI_over_sigmaI        25.6 
_reflns.B_iso_Wilson_estimate        54.5 
_reflns.pdbx_redundancy              5.3 
_reflns.R_free_details               ? 
_reflns.limit_h_max                  ? 
_reflns.limit_h_min                  ? 
_reflns.limit_k_max                  ? 
_reflns.limit_k_min                  ? 
_reflns.limit_l_max                  ? 
_reflns.limit_l_min                  ? 
_reflns.observed_criterion_F_max     ? 
_reflns.observed_criterion_F_min     ? 
_reflns.pdbx_chi_squared             ? 
_reflns.pdbx_scaling_rejects         ? 
# 
_reflns_shell.pdbx_diffrn_id         1 
_reflns_shell.pdbx_ordinal           1 
_reflns_shell.d_res_high             2.29 
_reflns_shell.d_res_low              2.37 
_reflns_shell.percent_possible_all   82.0 
_reflns_shell.Rmerge_I_obs           0.375 
_reflns_shell.pdbx_Rsym_value        ? 
_reflns_shell.meanI_over_sigI_obs    3.3 
_reflns_shell.pdbx_redundancy        4.2 
_reflns_shell.percent_possible_obs   ? 
_reflns_shell.number_unique_all      ? 
_reflns_shell.number_measured_all    ? 
_reflns_shell.number_measured_obs    ? 
_reflns_shell.number_unique_obs      ? 
_reflns_shell.pdbx_chi_squared       ? 
# 
_refine.pdbx_refine_id                           'X-RAY DIFFRACTION' 
_refine.entry_id                                 3SVM 
_refine.pdbx_diffrn_id                           1 
_refine.pdbx_TLS_residual_ADP_flag               ? 
_refine.ls_number_reflns_obs                     3465 
_refine.ls_number_reflns_all                     ? 
_refine.pdbx_ls_sigma_I                          ? 
_refine.pdbx_ls_sigma_F                          0 
_refine.pdbx_data_cutoff_high_absF               ? 
_refine.pdbx_data_cutoff_low_absF                ? 
_refine.pdbx_data_cutoff_high_rms_absF           ? 
_refine.ls_d_res_low                             30 
_refine.ls_d_res_high                            2.31 
_refine.ls_percent_reflns_obs                    90.9 
_refine.ls_R_factor_obs                          0.257 
_refine.ls_R_factor_all                          ? 
_refine.ls_R_factor_R_work                       0.257 
_refine.ls_R_factor_R_free                       0.272 
_refine.ls_R_factor_R_free_error                 ? 
_refine.ls_R_factor_R_free_error_details         ? 
_refine.ls_percent_reflns_R_free                 ? 
_refine.ls_number_reflns_R_free                  184 
_refine.ls_number_parameters                     ? 
_refine.ls_number_restraints                     ? 
_refine.occupancy_min                            ? 
_refine.occupancy_max                            ? 
_refine.correlation_coeff_Fo_to_Fc               ? 
_refine.correlation_coeff_Fo_to_Fc_free          ? 
_refine.B_iso_mean                               58.0 
_refine.aniso_B[1][1]                            -11.75 
_refine.aniso_B[2][2]                            16.67 
_refine.aniso_B[3][3]                            -4.91 
_refine.aniso_B[1][2]                            0.00 
_refine.aniso_B[1][3]                            0.00 
_refine.aniso_B[2][3]                            0.00 
_refine.solvent_model_details                    ? 
_refine.solvent_model_param_ksol                 ? 
_refine.solvent_model_param_bsol                 ? 
_refine.pdbx_solvent_vdw_probe_radii             ? 
_refine.pdbx_solvent_ion_probe_radii             ? 
_refine.pdbx_solvent_shrinkage_radii             ? 
_refine.pdbx_ls_cross_valid_method               THROUGHOUT 
_refine.details                                  ? 
_refine.pdbx_starting_model                      'PDB entry 3QO2' 
_refine.pdbx_method_to_determine_struct          'MOLECULAR REPLACEMENT' 
_refine.pdbx_isotropic_thermal_model             RESTRAINED 
_refine.pdbx_stereochemistry_target_values       'Engh & Huber' 
_refine.pdbx_stereochem_target_val_spec_case     ? 
_refine.pdbx_R_Free_selection_details            RANDOM 
_refine.pdbx_overall_ESU_R_Free                  ? 
_refine.overall_SU_ML                            ? 
_refine.pdbx_overall_phase_error                 ? 
_refine.overall_SU_B                             ? 
_refine.overall_SU_R_Cruickshank_DPI             ? 
_refine.pdbx_overall_SU_R_free_Cruickshank_DPI   ? 
_refine.pdbx_overall_SU_R_Blow_DPI               ? 
_refine.pdbx_overall_SU_R_free_Blow_DPI          ? 
_refine.ls_redundancy_reflns_obs                 ? 
_refine.pdbx_overall_ESU_R                       ? 
_refine.B_iso_min                                ? 
_refine.B_iso_max                                ? 
_refine.overall_SU_R_free                        ? 
_refine.ls_wR_factor_R_free                      ? 
_refine.ls_wR_factor_R_work                      ? 
_refine.overall_FOM_free_R_set                   ? 
_refine.overall_FOM_work_R_set                   ? 
# 
_refine_analyze.pdbx_refine_id                  'X-RAY DIFFRACTION' 
_refine_analyze.entry_id                        3SVM 
_refine_analyze.Luzzati_coordinate_error_obs    0.40 
_refine_analyze.Luzzati_sigma_a_obs             0.38 
_refine_analyze.Luzzati_d_res_low_obs           30. 
_refine_analyze.Luzzati_coordinate_error_free   0.42 
_refine_analyze.Luzzati_sigma_a_free            0.43 
_refine_analyze.Luzzati_d_res_low_free          ? 
_refine_analyze.number_disordered_residues      ? 
_refine_analyze.occupancy_sum_hydrogen          ? 
_refine_analyze.occupancy_sum_non_hydrogen      ? 
_refine_analyze.pdbx_Luzzati_d_res_high_obs     ? 
# 
_refine_hist.pdbx_refine_id                   'X-RAY DIFFRACTION' 
_refine_hist.cycle_id                         LAST 
_refine_hist.pdbx_number_atoms_protein        578 
_refine_hist.pdbx_number_atoms_nucleic_acid   0 
_refine_hist.pdbx_number_atoms_ligand         0 
_refine_hist.number_atoms_solvent             24 
_refine_hist.number_atoms_total               602 
_refine_hist.d_res_high                       2.31 
_refine_hist.d_res_low                        30 
# 
loop_
_refine_ls_restr.type 
_refine_ls_restr.dev_ideal 
_refine_ls_restr.dev_ideal_target 
_refine_ls_restr.weight 
_refine_ls_restr.number 
_refine_ls_restr.pdbx_refine_id 
_refine_ls_restr.pdbx_restraint_function 
c_bond_d                0.007 ? ? ? 'X-RAY DIFFRACTION' ? 
c_bond_d_na             ?     ? ? ? 'X-RAY DIFFRACTION' ? 
c_bond_d_prot           ?     ? ? ? 'X-RAY DIFFRACTION' ? 
c_angle_d               ?     ? ? ? 'X-RAY DIFFRACTION' ? 
c_angle_d_na            ?     ? ? ? 'X-RAY DIFFRACTION' ? 
c_angle_d_prot          ?     ? ? ? 'X-RAY DIFFRACTION' ? 
c_angle_deg             1.2   ? ? ? 'X-RAY DIFFRACTION' ? 
c_angle_deg_na          ?     ? ? ? 'X-RAY DIFFRACTION' ? 
c_angle_deg_prot        ?     ? ? ? 'X-RAY DIFFRACTION' ? 
c_dihedral_angle_d      23.5  ? ? ? 'X-RAY DIFFRACTION' ? 
c_dihedral_angle_d_na   ?     ? ? ? 'X-RAY DIFFRACTION' ? 
c_dihedral_angle_d_prot ?     ? ? ? 'X-RAY DIFFRACTION' ? 
c_improper_angle_d      0.75  ? ? ? 'X-RAY DIFFRACTION' ? 
c_improper_angle_d_na   ?     ? ? ? 'X-RAY DIFFRACTION' ? 
c_improper_angle_d_prot ?     ? ? ? 'X-RAY DIFFRACTION' ? 
c_mcbond_it             ?     ? ? ? 'X-RAY DIFFRACTION' ? 
c_mcangle_it            ?     ? ? ? 'X-RAY DIFFRACTION' ? 
c_scbond_it             ?     ? ? ? 'X-RAY DIFFRACTION' ? 
c_scangle_it            ?     ? ? ? 'X-RAY DIFFRACTION' ? 
# 
_refine_ls_shell.pdbx_refine_id                   'X-RAY DIFFRACTION' 
_refine_ls_shell.pdbx_total_number_of_bins_used   ? 
_refine_ls_shell.d_res_high                       2.31 
_refine_ls_shell.d_res_low                        2.45 
_refine_ls_shell.number_reflns_R_work             ? 
_refine_ls_shell.R_factor_R_work                  0.316 
_refine_ls_shell.percent_reflns_obs               68.7 
_refine_ls_shell.R_factor_R_free                  0.368 
_refine_ls_shell.R_factor_R_free_error            0.067 
_refine_ls_shell.percent_reflns_R_free            ? 
_refine_ls_shell.number_reflns_R_free             22 
_refine_ls_shell.number_reflns_all                ? 
_refine_ls_shell.R_factor_all                     ? 
_refine_ls_shell.redundancy_reflns_obs            ? 
_refine_ls_shell.number_reflns_obs                ? 
# 
_struct.entry_id                  3SVM 
_struct.title                     'Human MPP8 - human DNMT3AK47me2 peptide' 
_struct.pdbx_model_details        ? 
_struct.pdbx_CASP_flag            ? 
_struct.pdbx_model_type_details   ? 
# 
_struct_keywords.entry_id        3SVM 
_struct_keywords.pdbx_keywords   TRANSFERASE 
_struct_keywords.text            
;epigenetics, methyl-lysine binding, Chromodomain, The dimethylated human DNMT3AK47me2 is recognized by the chromodomain of MPP8, MPP8 chromodomain, dimethylated lysine, TRANSFERASE
;
# 
loop_
_struct_asym.id 
_struct_asym.pdbx_blank_PDB_chainid_flag 
_struct_asym.pdbx_modified 
_struct_asym.entity_id 
_struct_asym.details 
A N N 1 ? 
B N N 2 ? 
C N N 3 ? 
D N N 3 ? 
# 
_struct_biol.id        1 
_struct_biol.details   ? 
# 
loop_
_struct_conf.conf_type_id 
_struct_conf.id 
_struct_conf.pdbx_PDB_helix_id 
_struct_conf.beg_label_comp_id 
_struct_conf.beg_label_asym_id 
_struct_conf.beg_label_seq_id 
_struct_conf.pdbx_beg_PDB_ins_code 
_struct_conf.end_label_comp_id 
_struct_conf.end_label_asym_id 
_struct_conf.end_label_seq_id 
_struct_conf.pdbx_end_PDB_ins_code 
_struct_conf.beg_auth_comp_id 
_struct_conf.beg_auth_asym_id 
_struct_conf.beg_auth_seq_id 
_struct_conf.end_auth_comp_id 
_struct_conf.end_auth_asym_id 
_struct_conf.end_auth_seq_id 
_struct_conf.pdbx_PDB_helix_class 
_struct_conf.details 
_struct_conf.pdbx_PDB_helix_length 
HELX_P HELX_P1 1 THR A 30 ? ASP A 34 ? THR A 84 ASP A 88  5 ? 5  
HELX_P HELX_P2 2 ILE A 40 ? LEU A 42 ? ILE A 94 LEU A 96  5 ? 3  
HELX_P HELX_P3 3 CYS A 45 ? GLU A 58 ? CYS A 99 GLU A 112 1 ? 14 
# 
_struct_conf_type.id          HELX_P 
_struct_conf_type.criteria    ? 
_struct_conf_type.reference   ? 
# 
loop_
_struct_conn.id 
_struct_conn.conn_type_id 
_struct_conn.pdbx_leaving_atom_flag 
_struct_conn.pdbx_PDB_id 
_struct_conn.ptnr1_label_asym_id 
_struct_conn.ptnr1_label_comp_id 
_struct_conn.ptnr1_label_seq_id 
_struct_conn.ptnr1_label_atom_id 
_struct_conn.pdbx_ptnr1_label_alt_id 
_struct_conn.pdbx_ptnr1_PDB_ins_code 
_struct_conn.pdbx_ptnr1_standard_comp_id 
_struct_conn.ptnr1_symmetry 
_struct_conn.ptnr2_label_asym_id 
_struct_conn.ptnr2_label_comp_id 
_struct_conn.ptnr2_label_seq_id 
_struct_conn.ptnr2_label_atom_id 
_struct_conn.pdbx_ptnr2_label_alt_id 
_struct_conn.pdbx_ptnr2_PDB_ins_code 
_struct_conn.ptnr1_auth_asym_id 
_struct_conn.ptnr1_auth_comp_id 
_struct_conn.ptnr1_auth_seq_id 
_struct_conn.ptnr2_auth_asym_id 
_struct_conn.ptnr2_auth_comp_id 
_struct_conn.ptnr2_auth_seq_id 
_struct_conn.ptnr2_symmetry 
_struct_conn.pdbx_ptnr3_label_atom_id 
_struct_conn.pdbx_ptnr3_label_seq_id 
_struct_conn.pdbx_ptnr3_label_comp_id 
_struct_conn.pdbx_ptnr3_label_asym_id 
_struct_conn.pdbx_ptnr3_label_alt_id 
_struct_conn.pdbx_ptnr3_PDB_ins_code 
_struct_conn.details 
_struct_conn.pdbx_dist_value 
_struct_conn.pdbx_value_order 
_struct_conn.pdbx_role 
covale1 covale both ? B ARG 8 C ? ? ? 1_555 B MLY 9  N ? ? P ARG 46 P MLY 47 1_555 ? ? ? ? ? ? ? 1.320 ? ? 
covale2 covale both ? B MLY 9 C ? ? ? 1_555 B VAL 10 N ? ? P MLY 47 P VAL 48 1_555 ? ? ? ? ? ? ? 1.327 ? ? 
# 
_struct_conn_type.id          covale 
_struct_conn_type.criteria    ? 
_struct_conn_type.reference   ? 
# 
_struct_sheet.id               A 
_struct_sheet.type             ? 
_struct_sheet.number_strands   4 
_struct_sheet.details          ? 
# 
loop_
_struct_sheet_order.sheet_id 
_struct_sheet_order.range_id_1 
_struct_sheet_order.range_id_2 
_struct_sheet_order.offset 
_struct_sheet_order.sense 
A 1 2 ? anti-parallel 
A 2 3 ? anti-parallel 
A 3 4 ? anti-parallel 
# 
loop_
_struct_sheet_range.sheet_id 
_struct_sheet_range.id 
_struct_sheet_range.beg_label_comp_id 
_struct_sheet_range.beg_label_asym_id 
_struct_sheet_range.beg_label_seq_id 
_struct_sheet_range.pdbx_beg_PDB_ins_code 
_struct_sheet_range.end_label_comp_id 
_struct_sheet_range.end_label_asym_id 
_struct_sheet_range.end_label_seq_id 
_struct_sheet_range.pdbx_end_PDB_ins_code 
_struct_sheet_range.beg_auth_comp_id 
_struct_sheet_range.beg_auth_asym_id 
_struct_sheet_range.beg_auth_seq_id 
_struct_sheet_range.end_auth_comp_id 
_struct_sheet_range.end_auth_asym_id 
_struct_sheet_range.end_auth_seq_id 
A 1 THR A 35 ? PRO A 38 ? THR A 89 PRO A 92 
A 2 LYS A 19 ? TRP A 26 ? LYS A 73 TRP A 80 
A 3 PHE A 5  ? GLU A 16 ? PHE A 59 GLU A 70 
A 4 THR B 6  ? ALA B 7  ? THR P 44 ALA P 45 
# 
loop_
_pdbx_struct_sheet_hbond.sheet_id 
_pdbx_struct_sheet_hbond.range_id_1 
_pdbx_struct_sheet_hbond.range_id_2 
_pdbx_struct_sheet_hbond.range_1_label_atom_id 
_pdbx_struct_sheet_hbond.range_1_label_comp_id 
_pdbx_struct_sheet_hbond.range_1_label_asym_id 
_pdbx_struct_sheet_hbond.range_1_label_seq_id 
_pdbx_struct_sheet_hbond.range_1_PDB_ins_code 
_pdbx_struct_sheet_hbond.range_1_auth_atom_id 
_pdbx_struct_sheet_hbond.range_1_auth_comp_id 
_pdbx_struct_sheet_hbond.range_1_auth_asym_id 
_pdbx_struct_sheet_hbond.range_1_auth_seq_id 
_pdbx_struct_sheet_hbond.range_2_label_atom_id 
_pdbx_struct_sheet_hbond.range_2_label_comp_id 
_pdbx_struct_sheet_hbond.range_2_label_asym_id 
_pdbx_struct_sheet_hbond.range_2_label_seq_id 
_pdbx_struct_sheet_hbond.range_2_PDB_ins_code 
_pdbx_struct_sheet_hbond.range_2_auth_atom_id 
_pdbx_struct_sheet_hbond.range_2_auth_comp_id 
_pdbx_struct_sheet_hbond.range_2_auth_asym_id 
_pdbx_struct_sheet_hbond.range_2_auth_seq_id 
A 1 2 O GLU A 37 ? O GLU A 91 N TYR A 22 ? N TYR A 76 
A 2 3 O LYS A 23 ? O LYS A 77 N LEU A 11 ? N LEU A 65 
A 3 4 N PHE A 5  ? N PHE A 59 O ALA B 7  ? O ALA P 45 
# 
_atom_sites.entry_id                    3SVM 
_atom_sites.fract_transf_matrix[1][1]   0.00912524 
_atom_sites.fract_transf_matrix[1][2]   0.02002252 
_atom_sites.fract_transf_matrix[1][3]   0.01039800 
_atom_sites.fract_transf_matrix[2][1]   0.01199938 
_atom_sites.fract_transf_matrix[2][2]   -0.01294582 
_atom_sites.fract_transf_matrix[2][3]   0.01439803 
_atom_sites.fract_transf_matrix[3][1]   0.00844994 
_atom_sites.fract_transf_matrix[3][2]   -0.00013220 
_atom_sites.fract_transf_matrix[3][3]   -0.00716108 
_atom_sites.fract_transf_vector[1]      -0.176339 
_atom_sites.fract_transf_vector[2]      -0.278860 
_atom_sites.fract_transf_vector[3]      -0.119110 
# 
loop_
_atom_type.symbol 
C 
N 
O 
S 
# 
loop_
_atom_site.group_PDB 
_atom_site.id 
_atom_site.type_symbol 
_atom_site.label_atom_id 
_atom_site.label_alt_id 
_atom_site.label_comp_id 
_atom_site.label_asym_id 
_atom_site.label_entity_id 
_atom_site.label_seq_id 
_atom_site.pdbx_PDB_ins_code 
_atom_site.Cartn_x 
_atom_site.Cartn_y 
_atom_site.Cartn_z 
_atom_site.occupancy 
_atom_site.B_iso_or_equiv 
_atom_site.pdbx_formal_charge 
_atom_site.auth_seq_id 
_atom_site.auth_comp_id 
_atom_site.auth_asym_id 
_atom_site.auth_atom_id 
_atom_site.pdbx_PDB_model_num 
ATOM   1   N N   . GLU A 1 2  ? -1.696  -13.182 -9.717  1.00 78.89 ? 56  GLU A N   1 
ATOM   2   C CA  . GLU A 1 2  ? -0.554  -12.285 -9.385  1.00 78.23 ? 56  GLU A CA  1 
ATOM   3   C C   . GLU A 1 2  ? 0.146   -12.709 -8.093  1.00 77.39 ? 56  GLU A C   1 
ATOM   4   O O   . GLU A 1 2  ? 0.493   -11.860 -7.269  1.00 77.52 ? 56  GLU A O   1 
ATOM   5   C CB  . GLU A 1 2  ? -1.042  -10.834 -9.268  1.00 77.41 ? 56  GLU A CB  1 
ATOM   6   N N   . ASP A 1 3  ? 0.336   -14.023 -7.938  1.00 75.83 ? 57  ASP A N   1 
ATOM   7   C CA  . ASP A 1 3  ? 1.018   -14.640 -6.787  1.00 73.52 ? 57  ASP A CA  1 
ATOM   8   C C   . ASP A 1 3  ? 0.485   -14.180 -5.427  1.00 71.68 ? 57  ASP A C   1 
ATOM   9   O O   . ASP A 1 3  ? 0.089   -15.004 -4.600  1.00 72.65 ? 57  ASP A O   1 
ATOM   10  C CB  . ASP A 1 3  ? 2.537   -14.357 -6.876  1.00 72.85 ? 57  ASP A CB  1 
ATOM   11  C CG  . ASP A 1 3  ? 3.377   -15.187 -5.882  1.00 72.82 ? 57  ASP A CG  1 
ATOM   12  O OD1 . ASP A 1 3  ? 2.848   -15.692 -4.868  1.00 71.45 ? 57  ASP A OD1 1 
ATOM   13  O OD2 . ASP A 1 3  ? 4.605   -15.326 -6.092  1.00 71.54 ? 57  ASP A OD2 1 
ATOM   14  N N   . VAL A 1 4  ? 0.486   -12.862 -5.227  1.00 68.32 ? 58  VAL A N   1 
ATOM   15  C CA  . VAL A 1 4  ? 0.059   -12.194 -3.997  1.00 63.49 ? 58  VAL A CA  1 
ATOM   16  C C   . VAL A 1 4  ? 1.203   -12.244 -2.997  1.00 61.51 ? 58  VAL A C   1 
ATOM   17  O O   . VAL A 1 4  ? 1.829   -13.283 -2.799  1.00 60.03 ? 58  VAL A O   1 
ATOM   18  C CB  . VAL A 1 4  ? -1.213  -12.811 -3.388  1.00 62.77 ? 58  VAL A CB  1 
ATOM   19  C CG1 . VAL A 1 4  ? -1.376  -12.343 -1.952  1.00 61.58 ? 58  VAL A CG1 1 
ATOM   20  C CG2 . VAL A 1 4  ? -2.427  -12.391 -4.216  1.00 59.58 ? 58  VAL A CG2 1 
ATOM   21  N N   . PHE A 1 5  ? 1.468   -11.100 -2.377  1.00 59.73 ? 59  PHE A N   1 
ATOM   22  C CA  . PHE A 1 5  ? 2.566   -10.961 -1.441  1.00 56.25 ? 59  PHE A CA  1 
ATOM   23  C C   . PHE A 1 5  ? 2.184   -10.240 -0.159  1.00 55.90 ? 59  PHE A C   1 
ATOM   24  O O   . PHE A 1 5  ? 1.203   -9.500  -0.106  1.00 55.84 ? 59  PHE A O   1 
ATOM   25  C CB  . PHE A 1 5  ? 3.683   -10.189 -2.129  1.00 55.20 ? 59  PHE A CB  1 
ATOM   26  C CG  . PHE A 1 5  ? 4.097   -10.772 -3.446  1.00 52.83 ? 59  PHE A CG  1 
ATOM   27  C CD1 . PHE A 1 5  ? 5.227   -11.564 -3.535  1.00 52.41 ? 59  PHE A CD1 1 
ATOM   28  C CD2 . PHE A 1 5  ? 3.356   -10.529 -4.594  1.00 52.18 ? 59  PHE A CD2 1 
ATOM   29  C CE1 . PHE A 1 5  ? 5.615   -12.106 -4.748  1.00 52.40 ? 59  PHE A CE1 1 
ATOM   30  C CE2 . PHE A 1 5  ? 3.733   -11.067 -5.813  1.00 50.09 ? 59  PHE A CE2 1 
ATOM   31  C CZ  . PHE A 1 5  ? 4.865   -11.856 -5.892  1.00 51.86 ? 59  PHE A CZ  1 
ATOM   32  N N   . GLU A 1 6  ? 2.993   -10.444 0.870   1.00 54.85 ? 60  GLU A N   1 
ATOM   33  C CA  . GLU A 1 6  ? 2.772   -9.820  2.164   1.00 55.56 ? 60  GLU A CA  1 
ATOM   34  C C   . GLU A 1 6  ? 3.180   -8.334  2.097   1.00 53.70 ? 60  GLU A C   1 
ATOM   35  O O   . GLU A 1 6  ? 4.296   -7.996  1.695   1.00 53.60 ? 60  GLU A O   1 
ATOM   36  C CB  . GLU A 1 6  ? 3.596   -10.570 3.220   1.00 59.59 ? 60  GLU A CB  1 
ATOM   37  C CG  . GLU A 1 6  ? 2.888   -10.867 4.530   1.00 64.67 ? 60  GLU A CG  1 
ATOM   38  C CD  . GLU A 1 6  ? 2.655   -9.622  5.366   1.00 70.26 ? 60  GLU A CD  1 
ATOM   39  O OE1 . GLU A 1 6  ? 3.636   -8.892  5.641   1.00 72.96 ? 60  GLU A OE1 1 
ATOM   40  O OE2 . GLU A 1 6  ? 1.492   -9.375  5.757   1.00 72.80 ? 60  GLU A OE2 1 
ATOM   41  N N   . VAL A 1 7  ? 2.259   -7.461  2.486   1.00 50.53 ? 61  VAL A N   1 
ATOM   42  C CA  . VAL A 1 7  ? 2.456   -6.014  2.488   1.00 49.40 ? 61  VAL A CA  1 
ATOM   43  C C   . VAL A 1 7  ? 2.987   -5.542  3.850   1.00 49.36 ? 61  VAL A C   1 
ATOM   44  O O   . VAL A 1 7  ? 2.459   -5.937  4.886   1.00 48.82 ? 61  VAL A O   1 
ATOM   45  C CB  . VAL A 1 7  ? 1.094   -5.298  2.195   1.00 48.67 ? 61  VAL A CB  1 
ATOM   46  C CG1 . VAL A 1 7  ? 1.264   -3.799  2.137   1.00 48.48 ? 61  VAL A CG1 1 
ATOM   47  C CG2 . VAL A 1 7  ? 0.521   -5.803  0.900   1.00 47.53 ? 61  VAL A CG2 1 
ATOM   48  N N   . GLU A 1 8  ? 4.031   -4.708  3.849   1.00 49.99 ? 62  GLU A N   1 
ATOM   49  C CA  . GLU A 1 8  ? 4.594   -4.184  5.098   1.00 48.94 ? 62  GLU A CA  1 
ATOM   50  C C   . GLU A 1 8  ? 3.961   -2.860  5.419   1.00 47.29 ? 62  GLU A C   1 
ATOM   51  O O   . GLU A 1 8  ? 3.528   -2.623  6.544   1.00 48.08 ? 62  GLU A O   1 
ATOM   52  C CB  . GLU A 1 8  ? 6.098   -3.950  5.015   1.00 51.68 ? 62  GLU A CB  1 
ATOM   53  C CG  . GLU A 1 8  ? 6.665   -3.480  6.358   1.00 57.42 ? 62  GLU A CG  1 
ATOM   54  C CD  . GLU A 1 8  ? 8.059   -2.891  6.251   1.00 61.30 ? 62  GLU A CD  1 
ATOM   55  O OE1 . GLU A 1 8  ? 8.948   -3.562  5.691   1.00 64.72 ? 62  GLU A OE1 1 
ATOM   56  O OE2 . GLU A 1 8  ? 8.271   -1.757  6.737   1.00 64.14 ? 62  GLU A OE2 1 
ATOM   57  N N   . LYS A 1 9  ? 3.934   -1.983  4.424   1.00 46.02 ? 63  LYS A N   1 
ATOM   58  C CA  . LYS A 1 9  ? 3.328   -0.673  4.584   1.00 43.72 ? 63  LYS A CA  1 
ATOM   59  C C   . LYS A 1 9  ? 3.249   0.119   3.290   1.00 41.95 ? 63  LYS A C   1 
ATOM   60  O O   . LYS A 1 9  ? 3.880   -0.222  2.289   1.00 40.90 ? 63  LYS A O   1 
ATOM   61  C CB  . LYS A 1 9  ? 4.071   0.145   5.654   1.00 44.02 ? 63  LYS A CB  1 
ATOM   62  C CG  . LYS A 1 9  ? 5.510   0.528   5.349   1.00 43.66 ? 63  LYS A CG  1 
ATOM   63  C CD  . LYS A 1 9  ? 6.035   1.434   6.453   1.00 46.78 ? 63  LYS A CD  1 
ATOM   64  C CE  . LYS A 1 9  ? 7.396   2.047   6.133   1.00 49.69 ? 63  LYS A CE  1 
ATOM   65  N NZ  . LYS A 1 9  ? 8.513   1.062   6.095   1.00 50.51 ? 63  LYS A NZ  1 
ATOM   66  N N   . ILE A 1 10 ? 2.441   1.172   3.332   1.00 40.51 ? 64  ILE A N   1 
ATOM   67  C CA  . ILE A 1 10 ? 2.248   2.081   2.214   1.00 40.08 ? 64  ILE A CA  1 
ATOM   68  C C   . ILE A 1 10 ? 3.237   3.219   2.437   1.00 41.33 ? 64  ILE A C   1 
ATOM   69  O O   . ILE A 1 10 ? 3.310   3.773   3.533   1.00 41.76 ? 64  ILE A O   1 
ATOM   70  C CB  . ILE A 1 10 ? 0.789   2.631   2.185   1.00 38.52 ? 64  ILE A CB  1 
ATOM   71  C CG1 . ILE A 1 10 ? -0.172  1.506   1.744   1.00 37.55 ? 64  ILE A CG1 1 
ATOM   72  C CG2 . ILE A 1 10 ? 0.708   3.844   1.260   1.00 34.58 ? 64  ILE A CG2 1 
ATOM   73  C CD1 . ILE A 1 10 ? -1.662  1.817   1.848   1.00 37.14 ? 64  ILE A CD1 1 
ATOM   74  N N   . LEU A 1 11 ? 4.001   3.566   1.406   1.00 40.81 ? 65  LEU A N   1 
ATOM   75  C CA  . LEU A 1 11 ? 4.989   4.625   1.542   1.00 39.18 ? 65  LEU A CA  1 
ATOM   76  C C   . LEU A 1 11 ? 4.432   5.988   1.195   1.00 39.42 ? 65  LEU A C   1 
ATOM   77  O O   . LEU A 1 11 ? 4.772   6.977   1.829   1.00 40.72 ? 65  LEU A O   1 
ATOM   78  C CB  . LEU A 1 11 ? 6.211   4.320   0.671   1.00 40.06 ? 65  LEU A CB  1 
ATOM   79  C CG  . LEU A 1 11 ? 6.920   3.008   1.037   1.00 39.09 ? 65  LEU A CG  1 
ATOM   80  C CD1 . LEU A 1 11 ? 7.729   2.522   -0.141  1.00 40.92 ? 65  LEU A CD1 1 
ATOM   81  C CD2 . LEU A 1 11 ? 7.782   3.202   2.269   1.00 37.78 ? 65  LEU A CD2 1 
ATOM   82  N N   . ASP A 1 12 ? 3.573   6.043   0.188   1.00 38.23 ? 66  ASP A N   1 
ATOM   83  C CA  . ASP A 1 12 ? 2.982   7.303   -0.236  1.00 37.20 ? 66  ASP A CA  1 
ATOM   84  C C   . ASP A 1 12 ? 1.795   7.030   -1.155  1.00 35.38 ? 66  ASP A C   1 
ATOM   85  O O   . ASP A 1 12 ? 1.498   5.890   -1.474  1.00 31.39 ? 66  ASP A O   1 
ATOM   86  C CB  . ASP A 1 12 ? 4.030   8.167   -0.974  1.00 39.83 ? 66  ASP A CB  1 
ATOM   87  C CG  . ASP A 1 12 ? 4.876   9.048   -0.021  1.00 42.57 ? 66  ASP A CG  1 
ATOM   88  O OD1 . ASP A 1 12 ? 4.309   9.694   0.904   1.00 37.89 ? 66  ASP A OD1 1 
ATOM   89  O OD2 . ASP A 1 12 ? 6.114   9.104   -0.222  1.00 41.59 ? 66  ASP A OD2 1 
ATOM   90  N N   . MET A 1 13 ? 1.120   8.091   -1.578  1.00 37.33 ? 67  MET A N   1 
ATOM   91  C CA  . MET A 1 13 ? -0.027  7.967   -2.476  1.00 39.88 ? 67  MET A CA  1 
ATOM   92  C C   . MET A 1 13 ? 0.006   9.070   -3.518  1.00 37.64 ? 67  MET A C   1 
ATOM   93  O O   . MET A 1 13 ? 0.729   10.055  -3.375  1.00 36.59 ? 67  MET A O   1 
ATOM   94  C CB  . MET A 1 13 ? -1.337  8.109   -1.701  1.00 43.22 ? 67  MET A CB  1 
ATOM   95  C CG  . MET A 1 13 ? -1.792  9.568   -1.556  1.00 48.68 ? 67  MET A CG  1 
ATOM   96  S SD  . MET A 1 13 ? -3.274  9.777   -0.540  1.00 59.95 ? 67  MET A SD  1 
ATOM   97  C CE  . MET A 1 13 ? -4.556  9.065   -1.631  1.00 55.36 ? 67  MET A CE  1 
ATOM   98  N N   . LYS A 1 14 ? -0.811  8.906   -4.551  1.00 38.90 ? 68  LYS A N   1 
ATOM   99  C CA  . LYS A 1 14 ? -0.946  9.904   -5.619  1.00 40.07 ? 68  LYS A CA  1 
ATOM   100 C C   . LYS A 1 14 ? -2.183  9.580   -6.420  1.00 40.23 ? 68  LYS A C   1 
ATOM   101 O O   . LYS A 1 14 ? -2.782  8.535   -6.240  1.00 39.60 ? 68  LYS A O   1 
ATOM   102 C CB  . LYS A 1 14 ? 0.259   9.886   -6.577  1.00 40.84 ? 68  LYS A CB  1 
ATOM   103 C CG  . LYS A 1 14 ? 0.329   8.689   -7.542  1.00 36.70 ? 68  LYS A CG  1 
ATOM   104 C CD  . LYS A 1 14 ? 1.559   8.825   -8.401  1.00 39.27 ? 68  LYS A CD  1 
ATOM   105 C CE  . LYS A 1 14 ? 1.841   7.601   -9.264  1.00 41.16 ? 68  LYS A CE  1 
ATOM   106 N NZ  . LYS A 1 14 ? 3.190   7.727   -9.947  1.00 41.92 ? 68  LYS A NZ  1 
ATOM   107 N N   . THR A 1 15 ? -2.570  10.491  -7.295  1.00 42.72 ? 69  THR A N   1 
ATOM   108 C CA  . THR A 1 15 ? -3.698  10.242  -8.170  1.00 45.40 ? 69  THR A CA  1 
ATOM   109 C C   . THR A 1 15 ? -3.189  10.453  -9.590  1.00 48.75 ? 69  THR A C   1 
ATOM   110 O O   . THR A 1 15 ? -2.425  11.380  -9.848  1.00 47.65 ? 69  THR A O   1 
ATOM   111 C CB  . THR A 1 15 ? -4.900  11.206  -7.920  1.00 44.07 ? 69  THR A CB  1 
ATOM   112 O OG1 . THR A 1 15 ? -4.462  12.561  -8.031  1.00 38.77 ? 69  THR A OG1 1 
ATOM   113 C CG2 . THR A 1 15 ? -5.522  10.966  -6.546  1.00 41.23 ? 69  THR A CG2 1 
ATOM   114 N N   . GLU A 1 16 ? -3.573  9.559   -10.495 1.00 52.40 ? 70  GLU A N   1 
ATOM   115 C CA  . GLU A 1 16 ? -3.198  9.685   -11.893 1.00 56.97 ? 70  GLU A CA  1 
ATOM   116 C C   . GLU A 1 16 ? -4.521  9.861   -12.597 1.00 60.14 ? 70  GLU A C   1 
ATOM   117 O O   . GLU A 1 16 ? -5.175  8.887   -12.964 1.00 61.68 ? 70  GLU A O   1 
ATOM   118 C CB  . GLU A 1 16 ? -2.490  8.432   -12.405 1.00 56.83 ? 70  GLU A CB  1 
ATOM   119 C CG  . GLU A 1 16 ? -1.102  8.252   -11.844 1.00 58.64 ? 70  GLU A CG  1 
ATOM   120 C CD  . GLU A 1 16 ? -0.096  7.833   -12.900 1.00 59.22 ? 70  GLU A CD  1 
ATOM   121 O OE1 . GLU A 1 16 ? -0.403  6.914   -13.686 1.00 57.86 ? 70  GLU A OE1 1 
ATOM   122 O OE2 . GLU A 1 16 ? 1.006   8.421   -12.935 1.00 59.43 ? 70  GLU A OE2 1 
ATOM   123 N N   . GLY A 1 17 ? -4.915  11.121  -12.765 1.00 63.96 ? 71  GLY A N   1 
ATOM   124 C CA  . GLY A 1 17 ? -6.188  11.436  -13.389 1.00 65.79 ? 71  GLY A CA  1 
ATOM   125 C C   . GLY A 1 17 ? -7.197  11.568  -12.265 1.00 66.26 ? 71  GLY A C   1 
ATOM   126 O O   . GLY A 1 17 ? -7.268  12.610  -11.603 1.00 66.92 ? 71  GLY A O   1 
ATOM   127 N N   . GLY A 1 18 ? -7.967  10.509  -12.041 1.00 65.00 ? 72  GLY A N   1 
ATOM   128 C CA  . GLY A 1 18 ? -8.943  10.520  -10.966 1.00 64.77 ? 72  GLY A CA  1 
ATOM   129 C C   . GLY A 1 18 ? -8.832  9.246   -10.144 1.00 63.65 ? 72  GLY A C   1 
ATOM   130 O O   . GLY A 1 18 ? -9.605  9.004   -9.215  1.00 63.13 ? 72  GLY A O   1 
ATOM   131 N N   . LYS A 1 19 ? -7.845  8.432   -10.492 1.00 62.08 ? 73  LYS A N   1 
ATOM   132 C CA  . LYS A 1 19 ? -7.625  7.157   -9.831  1.00 58.90 ? 73  LYS A CA  1 
ATOM   133 C C   . LYS A 1 19 ? -6.568  7.265   -8.738  1.00 55.45 ? 73  LYS A C   1 
ATOM   134 O O   . LYS A 1 19 ? -5.585  7.980   -8.884  1.00 55.61 ? 73  LYS A O   1 
ATOM   135 C CB  . LYS A 1 19 ? -7.207  6.126   -10.880 1.00 60.27 ? 73  LYS A CB  1 
ATOM   136 C CG  . LYS A 1 19 ? -6.886  4.746   -10.336 1.00 63.94 ? 73  LYS A CG  1 
ATOM   137 C CD  . LYS A 1 19 ? -5.922  4.026   -11.279 1.00 65.27 ? 73  LYS A CD  1 
ATOM   138 C CE  . LYS A 1 19 ? -5.613  2.621   -10.803 1.00 65.52 ? 73  LYS A CE  1 
ATOM   139 N NZ  . LYS A 1 19 ? -4.589  1.977   -11.666 1.00 67.00 ? 73  LYS A NZ  1 
ATOM   140 N N   . VAL A 1 20 ? -6.786  6.542   -7.647  1.00 53.09 ? 74  VAL A N   1 
ATOM   141 C CA  . VAL A 1 20 ? -5.870  6.534   -6.512  1.00 50.07 ? 74  VAL A CA  1 
ATOM   142 C C   . VAL A 1 20 ? -4.855  5.400   -6.597  1.00 48.43 ? 74  VAL A C   1 
ATOM   143 O O   . VAL A 1 20 ? -5.213  4.260   -6.887  1.00 49.96 ? 74  VAL A O   1 
ATOM   144 C CB  . VAL A 1 20 ? -6.642  6.383   -5.183  1.00 49.30 ? 74  VAL A CB  1 
ATOM   145 C CG1 . VAL A 1 20 ? -5.674  6.339   -4.005  1.00 48.64 ? 74  VAL A CG1 1 
ATOM   146 C CG2 . VAL A 1 20 ? -7.620  7.526   -5.026  1.00 49.60 ? 74  VAL A CG2 1 
ATOM   147 N N   . LEU A 1 21 ? -3.592  5.723   -6.338  1.00 45.24 ? 75  LEU A N   1 
ATOM   148 C CA  . LEU A 1 21 ? -2.521  4.739   -6.353  1.00 43.45 ? 75  LEU A CA  1 
ATOM   149 C C   . LEU A 1 21 ? -1.690  4.831   -5.074  1.00 42.31 ? 75  LEU A C   1 
ATOM   150 O O   . LEU A 1 21 ? -1.541  5.915   -4.496  1.00 41.83 ? 75  LEU A O   1 
ATOM   151 C CB  . LEU A 1 21 ? -1.620  4.955   -7.566  1.00 43.52 ? 75  LEU A CB  1 
ATOM   152 C CG  . LEU A 1 21 ? -2.261  4.764   -8.935  1.00 43.33 ? 75  LEU A CG  1 
ATOM   153 C CD1 . LEU A 1 21 ? -2.674  6.097   -9.493  1.00 42.04 ? 75  LEU A CD1 1 
ATOM   154 C CD2 . LEU A 1 21 ? -1.267  4.097   -9.860  1.00 44.05 ? 75  LEU A CD2 1 
ATOM   155 N N   . TYR A 1 22 ? -1.156  3.689   -4.639  1.00 40.69 ? 76  TYR A N   1 
ATOM   156 C CA  . TYR A 1 22 ? -0.330  3.612   -3.424  1.00 39.66 ? 76  TYR A CA  1 
ATOM   157 C C   . TYR A 1 22 ? 1.029   2.966   -3.689  1.00 37.28 ? 76  TYR A C   1 
ATOM   158 O O   . TYR A 1 22 ? 1.100   1.931   -4.341  1.00 35.44 ? 76  TYR A O   1 
ATOM   159 C CB  . TYR A 1 22 ? -1.020  2.770   -2.340  1.00 41.40 ? 76  TYR A CB  1 
ATOM   160 C CG  . TYR A 1 22 ? -2.258  3.364   -1.716  1.00 41.76 ? 76  TYR A CG  1 
ATOM   161 C CD1 . TYR A 1 22 ? -2.208  4.590   -1.041  1.00 42.01 ? 76  TYR A CD1 1 
ATOM   162 C CD2 . TYR A 1 22 ? -3.479  2.681   -1.770  1.00 42.63 ? 76  TYR A CD2 1 
ATOM   163 C CE1 . TYR A 1 22 ? -3.346  5.132   -0.428  1.00 42.27 ? 76  TYR A CE1 1 
ATOM   164 C CE2 . TYR A 1 22 ? -4.626  3.206   -1.159  1.00 44.71 ? 76  TYR A CE2 1 
ATOM   165 C CZ  . TYR A 1 22 ? -4.552  4.434   -0.489  1.00 46.34 ? 76  TYR A CZ  1 
ATOM   166 O OH  . TYR A 1 22 ? -5.678  4.957   0.120   1.00 49.50 ? 76  TYR A OH  1 
ATOM   167 N N   . LYS A 1 23 ? 2.102   3.565   -3.179  1.00 34.98 ? 77  LYS A N   1 
ATOM   168 C CA  . LYS A 1 23 ? 3.427   2.977   -3.349  1.00 35.20 ? 77  LYS A CA  1 
ATOM   169 C C   . LYS A 1 23 ? 3.558   1.988   -2.183  1.00 35.88 ? 77  LYS A C   1 
ATOM   170 O O   . LYS A 1 23 ? 3.393   2.344   -1.006  1.00 36.64 ? 77  LYS A O   1 
ATOM   171 C CB  . LYS A 1 23 ? 4.525   4.048   -3.303  1.00 35.13 ? 77  LYS A CB  1 
ATOM   172 C CG  . LYS A 1 23 ? 5.855   3.571   -3.879  1.00 37.24 ? 77  LYS A CG  1 
ATOM   173 C CD  . LYS A 1 23 ? 6.716   4.718   -4.388  1.00 40.28 ? 77  LYS A CD  1 
ATOM   174 C CE  . LYS A 1 23 ? 7.159   5.641   -3.259  1.00 45.71 ? 77  LYS A CE  1 
ATOM   175 N NZ  . LYS A 1 23 ? 7.941   6.835   -3.722  1.00 47.49 ? 77  LYS A NZ  1 
ATOM   176 N N   . VAL A 1 24 ? 3.844   0.736   -2.519  1.00 35.60 ? 78  VAL A N   1 
ATOM   177 C CA  . VAL A 1 24 ? 3.912   -0.313  -1.521  1.00 35.12 ? 78  VAL A CA  1 
ATOM   178 C C   . VAL A 1 24 ? 5.295   -0.880  -1.251  1.00 34.89 ? 78  VAL A C   1 
ATOM   179 O O   . VAL A 1 24 ? 6.078   -1.129  -2.161  1.00 32.83 ? 78  VAL A O   1 
ATOM   180 C CB  . VAL A 1 24 ? 2.931   -1.475  -1.909  1.00 34.02 ? 78  VAL A CB  1 
ATOM   181 C CG1 . VAL A 1 24 ? 2.895   -2.549  -0.835  1.00 33.08 ? 78  VAL A CG1 1 
ATOM   182 C CG2 . VAL A 1 24 ? 1.551   -0.922  -2.112  1.00 33.05 ? 78  VAL A CG2 1 
ATOM   183 N N   . ARG A 1 25 ? 5.573   -1.051  0.038   1.00 37.27 ? 79  ARG A N   1 
ATOM   184 C CA  . ARG A 1 25 ? 6.816   -1.634  0.534   1.00 39.24 ? 79  ARG A CA  1 
ATOM   185 C C   . ARG A 1 25 ? 6.397   -3.047  0.878   1.00 40.47 ? 79  ARG A C   1 
ATOM   186 O O   . ARG A 1 25 ? 5.560   -3.241  1.762   1.00 41.09 ? 79  ARG A O   1 
ATOM   187 C CB  . ARG A 1 25 ? 7.283   -0.931  1.811   1.00 37.94 ? 79  ARG A CB  1 
ATOM   188 C CG  . ARG A 1 25 ? 8.438   -1.622  2.517   1.00 36.10 ? 79  ARG A CG  1 
ATOM   189 C CD  . ARG A 1 25 ? 9.665   -1.738  1.616   1.00 37.24 ? 79  ARG A CD  1 
ATOM   190 N NE  . ARG A 1 25 ? 10.032  -0.467  0.991   1.00 38.82 ? 79  ARG A NE  1 
ATOM   191 C CZ  . ARG A 1 25 ? 10.601  0.563   1.620   1.00 40.94 ? 79  ARG A CZ  1 
ATOM   192 N NH1 . ARG A 1 25 ? 10.886  0.501   2.910   1.00 40.03 ? 79  ARG A NH1 1 
ATOM   193 N NH2 . ARG A 1 25 ? 10.893  1.668   0.951   1.00 41.89 ? 79  ARG A NH2 1 
ATOM   194 N N   . TRP A 1 26 ? 6.961   -4.024  0.169   1.00 40.56 ? 80  TRP A N   1 
ATOM   195 C CA  . TRP A 1 26 ? 6.628   -5.425  0.380   1.00 39.22 ? 80  TRP A CA  1 
ATOM   196 C C   . TRP A 1 26 ? 7.471   -6.023  1.490   1.00 40.66 ? 80  TRP A C   1 
ATOM   197 O O   . TRP A 1 26 ? 8.686   -5.824  1.545   1.00 40.67 ? 80  TRP A O   1 
ATOM   198 C CB  . TRP A 1 26 ? 6.809   -6.206  -0.928  1.00 37.77 ? 80  TRP A CB  1 
ATOM   199 C CG  . TRP A 1 26 ? 6.026   -5.603  -2.052  1.00 36.61 ? 80  TRP A CG  1 
ATOM   200 C CD1 . TRP A 1 26 ? 6.474   -4.699  -2.967  1.00 35.72 ? 80  TRP A CD1 1 
ATOM   201 C CD2 . TRP A 1 26 ? 4.620   -5.757  -2.297  1.00 38.08 ? 80  TRP A CD2 1 
ATOM   202 N NE1 . TRP A 1 26 ? 5.436   -4.272  -3.762  1.00 35.85 ? 80  TRP A NE1 1 
ATOM   203 C CE2 . TRP A 1 26 ? 4.287   -4.906  -3.369  1.00 37.50 ? 80  TRP A CE2 1 
ATOM   204 C CE3 . TRP A 1 26 ? 3.606   -6.534  -1.708  1.00 39.78 ? 80  TRP A CE3 1 
ATOM   205 C CZ2 . TRP A 1 26 ? 2.977   -4.804  -3.869  1.00 39.00 ? 80  TRP A CZ2 1 
ATOM   206 C CZ3 . TRP A 1 26 ? 2.306   -6.435  -2.205  1.00 38.99 ? 80  TRP A CZ3 1 
ATOM   207 C CH2 . TRP A 1 26 ? 2.005   -5.576  -3.273  1.00 40.17 ? 80  TRP A CH2 1 
ATOM   208 N N   . LYS A 1 27 ? 6.818   -6.746  2.393   1.00 42.43 ? 81  LYS A N   1 
ATOM   209 C CA  . LYS A 1 27 ? 7.540   -7.352  3.497   1.00 45.44 ? 81  LYS A CA  1 
ATOM   210 C C   . LYS A 1 27 ? 8.615   -8.319  2.990   1.00 46.11 ? 81  LYS A C   1 
ATOM   211 O O   . LYS A 1 27 ? 8.350   -9.194  2.161   1.00 45.99 ? 81  LYS A O   1 
ATOM   212 C CB  . LYS A 1 27 ? 6.582   -8.076  4.447   1.00 45.44 ? 81  LYS A CB  1 
ATOM   213 C CG  . LYS A 1 27 ? 7.275   -8.467  5.734   1.00 51.50 ? 81  LYS A CG  1 
ATOM   214 C CD  . LYS A 1 27 ? 6.411   -9.255  6.698   1.00 54.13 ? 81  LYS A CD  1 
ATOM   215 C CE  . LYS A 1 27 ? 7.261   -9.694  7.894   1.00 56.57 ? 81  LYS A CE  1 
ATOM   216 N NZ  . LYS A 1 27 ? 6.514   -10.516 8.898   1.00 58.82 ? 81  LYS A NZ  1 
ATOM   217 N N   . GLY A 1 28 ? 9.836   -8.140  3.486   1.00 46.39 ? 82  GLY A N   1 
ATOM   218 C CA  . GLY A 1 28 ? 10.935  -8.997  3.080   1.00 47.42 ? 82  GLY A CA  1 
ATOM   219 C C   . GLY A 1 28 ? 11.675  -8.508  1.844   1.00 47.62 ? 82  GLY A C   1 
ATOM   220 O O   . GLY A 1 28 ? 12.661  -9.115  1.425   1.00 48.22 ? 82  GLY A O   1 
ATOM   221 N N   . TYR A 1 29 ? 11.201  -7.416  1.253   1.00 45.74 ? 83  TYR A N   1 
ATOM   222 C CA  . TYR A 1 29 ? 11.844  -6.867  0.071   1.00 44.02 ? 83  TYR A CA  1 
ATOM   223 C C   . TYR A 1 29 ? 12.427  -5.494  0.390   1.00 44.45 ? 83  TYR A C   1 
ATOM   224 O O   . TYR A 1 29 ? 11.987  -4.838  1.332   1.00 46.03 ? 83  TYR A O   1 
ATOM   225 C CB  . TYR A 1 29 ? 10.830  -6.743  -1.071  1.00 41.52 ? 83  TYR A CB  1 
ATOM   226 C CG  . TYR A 1 29 ? 10.357  -8.057  -1.663  1.00 39.14 ? 83  TYR A CG  1 
ATOM   227 C CD1 . TYR A 1 29 ? 10.949  -8.579  -2.810  1.00 39.86 ? 83  TYR A CD1 1 
ATOM   228 C CD2 . TYR A 1 29 ? 9.311   -8.774  -1.079  1.00 38.99 ? 83  TYR A CD2 1 
ATOM   229 C CE1 . TYR A 1 29 ? 10.509  -9.784  -3.366  1.00 38.00 ? 83  TYR A CE1 1 
ATOM   230 C CE2 . TYR A 1 29 ? 8.865   -9.976  -1.624  1.00 36.37 ? 83  TYR A CE2 1 
ATOM   231 C CZ  . TYR A 1 29 ? 9.469   -10.472 -2.765  1.00 38.35 ? 83  TYR A CZ  1 
ATOM   232 O OH  . TYR A 1 29 ? 9.040   -11.654 -3.310  1.00 39.15 ? 83  TYR A OH  1 
ATOM   233 N N   . THR A 1 30 ? 13.423  -5.077  -0.392  1.00 43.91 ? 84  THR A N   1 
ATOM   234 C CA  . THR A 1 30 ? 14.066  -3.777  -0.228  1.00 42.41 ? 84  THR A CA  1 
ATOM   235 C C   . THR A 1 30 ? 13.270  -2.748  -1.023  1.00 42.12 ? 84  THR A C   1 
ATOM   236 O O   . THR A 1 30 ? 12.350  -3.108  -1.751  1.00 40.42 ? 84  THR A O   1 
ATOM   237 C CB  . THR A 1 30 ? 15.511  -3.773  -0.774  1.00 42.28 ? 84  THR A CB  1 
ATOM   238 O OG1 . THR A 1 30 ? 15.479  -3.888  -2.199  1.00 45.15 ? 84  THR A OG1 1 
ATOM   239 C CG2 . THR A 1 30 ? 16.310  -4.924  -0.205  1.00 42.24 ? 84  THR A CG2 1 
ATOM   240 N N   . SER A 1 31 ? 13.640  -1.475  -0.895  1.00 42.19 ? 85  SER A N   1 
ATOM   241 C CA  . SER A 1 31 ? 12.947  -0.393  -1.596  1.00 43.27 ? 85  SER A CA  1 
ATOM   242 C C   . SER A 1 31 ? 13.077  -0.457  -3.117  1.00 43.71 ? 85  SER A C   1 
ATOM   243 O O   . SER A 1 31 ? 12.353  0.234   -3.839  1.00 42.07 ? 85  SER A O   1 
ATOM   244 C CB  . SER A 1 31 ? 13.433  0.972   -1.090  1.00 42.88 ? 85  SER A CB  1 
ATOM   245 O OG  . SER A 1 31 ? 14.816  1.149   -1.320  1.00 44.60 ? 85  SER A OG  1 
ATOM   246 N N   . ASP A 1 32 ? 13.997  -1.286  -3.599  1.00 44.35 ? 86  ASP A N   1 
ATOM   247 C CA  . ASP A 1 32 ? 14.201  -1.456  -5.036  1.00 45.89 ? 86  ASP A CA  1 
ATOM   248 C C   . ASP A 1 32 ? 13.035  -2.233  -5.630  1.00 45.59 ? 86  ASP A C   1 
ATOM   249 O O   . ASP A 1 32 ? 12.942  -2.402  -6.838  1.00 46.14 ? 86  ASP A O   1 
ATOM   250 C CB  . ASP A 1 32 ? 15.497  -2.226  -5.304  1.00 46.60 ? 86  ASP A CB  1 
ATOM   251 C CG  . ASP A 1 32 ? 16.729  -1.433  -4.939  1.00 47.65 ? 86  ASP A CG  1 
ATOM   252 O OD1 . ASP A 1 32 ? 16.601  -0.402  -4.248  1.00 47.71 ? 86  ASP A OD1 1 
ATOM   253 O OD2 . ASP A 1 32 ? 17.834  -1.846  -5.337  1.00 52.59 ? 86  ASP A OD2 1 
ATOM   254 N N   . ASP A 1 33 ? 12.153  -2.709  -4.763  1.00 45.27 ? 87  ASP A N   1 
ATOM   255 C CA  . ASP A 1 33 ? 11.005  -3.477  -5.191  1.00 44.27 ? 87  ASP A CA  1 
ATOM   256 C C   . ASP A 1 33 ? 9.676   -2.800  -4.879  1.00 42.28 ? 87  ASP A C   1 
ATOM   257 O O   . ASP A 1 33 ? 8.624   -3.432  -4.965  1.00 42.27 ? 87  ASP A O   1 
ATOM   258 C CB  . ASP A 1 33 ? 11.049  -4.864  -4.553  1.00 46.66 ? 87  ASP A CB  1 
ATOM   259 C CG  . ASP A 1 33 ? 11.772  -5.872  -5.416  1.00 50.44 ? 87  ASP A CG  1 
ATOM   260 O OD1 . ASP A 1 33 ? 11.326  -6.050  -6.569  1.00 52.27 ? 87  ASP A OD1 1 
ATOM   261 O OD2 . ASP A 1 33 ? 12.773  -6.483  -4.964  1.00 50.67 ? 87  ASP A OD2 1 
ATOM   262 N N   . ASP A 1 34 ? 9.722   -1.522  -4.518  1.00 39.24 ? 88  ASP A N   1 
ATOM   263 C CA  . ASP A 1 34 ? 8.497   -0.789  -4.220  1.00 38.09 ? 88  ASP A CA  1 
ATOM   264 C C   . ASP A 1 34 ? 7.774   -0.588  -5.525  1.00 36.83 ? 88  ASP A C   1 
ATOM   265 O O   . ASP A 1 34 ? 8.395   -0.263  -6.535  1.00 38.09 ? 88  ASP A O   1 
ATOM   266 C CB  . ASP A 1 34 ? 8.779   0.587   -3.601  1.00 38.66 ? 88  ASP A CB  1 
ATOM   267 C CG  . ASP A 1 34 ? 9.499   0.502   -2.261  1.00 40.70 ? 88  ASP A CG  1 
ATOM   268 O OD1 . ASP A 1 34 ? 9.357   -0.521  -1.545  1.00 41.60 ? 88  ASP A OD1 1 
ATOM   269 O OD2 . ASP A 1 34 ? 10.197  1.481   -1.917  1.00 40.84 ? 88  ASP A OD2 1 
ATOM   270 N N   . THR A 1 35 ? 6.461   -0.766  -5.499  1.00 36.11 ? 89  THR A N   1 
ATOM   271 C CA  . THR A 1 35 ? 5.641   -0.614  -6.690  1.00 35.97 ? 89  THR A CA  1 
ATOM   272 C C   . THR A 1 35 ? 4.389   0.222   -6.444  1.00 37.06 ? 89  THR A C   1 
ATOM   273 O O   . THR A 1 35 ? 3.870   0.262   -5.333  1.00 37.27 ? 89  THR A O   1 
ATOM   274 C CB  . THR A 1 35 ? 5.187   -1.986  -7.197  1.00 36.68 ? 89  THR A CB  1 
ATOM   275 O OG1 . THR A 1 35 ? 4.514   -2.682  -6.137  1.00 36.94 ? 89  THR A OG1 1 
ATOM   276 C CG2 . THR A 1 35 ? 6.382   -2.810  -7.666  1.00 34.85 ? 89  THR A CG2 1 
ATOM   277 N N   . TRP A 1 36 ? 3.911   0.901   -7.482  1.00 37.30 ? 90  TRP A N   1 
ATOM   278 C CA  . TRP A 1 36 ? 2.688   1.682   -7.373  1.00 36.04 ? 90  TRP A CA  1 
ATOM   279 C C   . TRP A 1 36 ? 1.557   0.717   -7.695  1.00 38.72 ? 90  TRP A C   1 
ATOM   280 O O   . TRP A 1 36 ? 1.553   0.059   -8.740  1.00 37.61 ? 90  TRP A O   1 
ATOM   281 C CB  . TRP A 1 36 ? 2.665   2.852   -8.359  1.00 33.60 ? 90  TRP A CB  1 
ATOM   282 C CG  . TRP A 1 36 ? 3.532   4.012   -7.952  1.00 32.42 ? 90  TRP A CG  1 
ATOM   283 C CD1 . TRP A 1 36 ? 4.802   4.284   -8.385  1.00 30.34 ? 90  TRP A CD1 1 
ATOM   284 C CD2 . TRP A 1 36 ? 3.199   5.045   -7.012  1.00 31.54 ? 90  TRP A CD2 1 
ATOM   285 N NE1 . TRP A 1 36 ? 5.274   5.421   -7.772  1.00 30.83 ? 90  TRP A NE1 1 
ATOM   286 C CE2 . TRP A 1 36 ? 4.312   5.906   -6.923  1.00 31.38 ? 90  TRP A CE2 1 
ATOM   287 C CE3 . TRP A 1 36 ? 2.063   5.323   -6.231  1.00 32.22 ? 90  TRP A CE3 1 
ATOM   288 C CZ2 . TRP A 1 36 ? 4.326   7.028   -6.087  1.00 30.45 ? 90  TRP A CZ2 1 
ATOM   289 C CZ3 . TRP A 1 36 ? 2.077   6.440   -5.399  1.00 30.13 ? 90  TRP A CZ3 1 
ATOM   290 C CH2 . TRP A 1 36 ? 3.201   7.276   -5.333  1.00 30.70 ? 90  TRP A CH2 1 
ATOM   291 N N   . GLU A 1 37 ? 0.599   0.630   -6.785  1.00 40.85 ? 91  GLU A N   1 
ATOM   292 C CA  . GLU A 1 37 ? -0.521  -0.273  -6.953  1.00 42.85 ? 91  GLU A CA  1 
ATOM   293 C C   . GLU A 1 37 ? -1.857  0.447   -6.958  1.00 44.32 ? 91  GLU A C   1 
ATOM   294 O O   . GLU A 1 37 ? -2.028  1.471   -6.295  1.00 45.03 ? 91  GLU A O   1 
ATOM   295 C CB  . GLU A 1 37 ? -0.527  -1.305  -5.821  1.00 43.13 ? 91  GLU A CB  1 
ATOM   296 C CG  . GLU A 1 37 ? 0.706   -2.197  -5.739  1.00 46.27 ? 91  GLU A CG  1 
ATOM   297 C CD  . GLU A 1 37 ? 0.864   -3.129  -6.937  1.00 46.87 ? 91  GLU A CD  1 
ATOM   298 O OE1 . GLU A 1 37 ? -0.165  -3.495  -7.549  1.00 46.55 ? 91  GLU A OE1 1 
ATOM   299 O OE2 . GLU A 1 37 ? 2.019   -3.509  -7.249  1.00 48.74 ? 91  GLU A OE2 1 
ATOM   300 N N   . PRO A 1 38 ? -2.824  -0.072  -7.732  1.00 46.95 ? 92  PRO A N   1 
ATOM   301 C CA  . PRO A 1 38 ? -4.137  0.577   -7.754  1.00 47.42 ? 92  PRO A CA  1 
ATOM   302 C C   . PRO A 1 38 ? -4.798  0.359   -6.395  1.00 47.47 ? 92  PRO A C   1 
ATOM   303 O O   . PRO A 1 38 ? -4.630  -0.682  -5.766  1.00 47.27 ? 92  PRO A O   1 
ATOM   304 C CB  . PRO A 1 38 ? -4.861  -0.141  -8.892  1.00 47.70 ? 92  PRO A CB  1 
ATOM   305 C CG  . PRO A 1 38 ? -4.214  -1.493  -8.917  1.00 47.06 ? 92  PRO A CG  1 
ATOM   306 C CD  . PRO A 1 38 ? -2.760  -1.173  -8.712  1.00 46.16 ? 92  PRO A CD  1 
ATOM   307 N N   . GLU A 1 39 ? -5.529  1.362   -5.941  1.00 48.22 ? 93  GLU A N   1 
ATOM   308 C CA  . GLU A 1 39 ? -6.212  1.308   -4.660  1.00 50.85 ? 93  GLU A CA  1 
ATOM   309 C C   . GLU A 1 39 ? -6.946  -0.006  -4.326  1.00 50.98 ? 93  GLU A C   1 
ATOM   310 O O   . GLU A 1 39 ? -6.802  -0.528  -3.226  1.00 50.81 ? 93  GLU A O   1 
ATOM   311 C CB  . GLU A 1 39 ? -7.176  2.487   -4.583  1.00 51.03 ? 93  GLU A CB  1 
ATOM   312 C CG  . GLU A 1 39 ? -8.053  2.501   -3.360  1.00 58.21 ? 93  GLU A CG  1 
ATOM   313 C CD  . GLU A 1 39 ? -8.957  3.710   -3.328  1.00 60.30 ? 93  GLU A CD  1 
ATOM   314 O OE1 . GLU A 1 39 ? -9.692  3.932   -4.316  1.00 61.15 ? 93  GLU A OE1 1 
ATOM   315 O OE2 . GLU A 1 39 ? -8.929  4.438   -2.316  1.00 63.47 ? 93  GLU A OE2 1 
ATOM   316 N N   . ILE A 1 40 ? -7.728  -0.535  -5.260  1.00 53.35 ? 94  ILE A N   1 
ATOM   317 C CA  . ILE A 1 40 ? -8.475  -1.780  -5.023  1.00 56.69 ? 94  ILE A CA  1 
ATOM   318 C C   . ILE A 1 40 ? -7.634  -2.946  -4.507  1.00 57.94 ? 94  ILE A C   1 
ATOM   319 O O   . ILE A 1 40 ? -8.163  -3.875  -3.886  1.00 58.91 ? 94  ILE A O   1 
ATOM   320 C CB  . ILE A 1 40 ? -9.194  -2.278  -6.302  1.00 57.32 ? 94  ILE A CB  1 
ATOM   321 C CG1 . ILE A 1 40 ? -8.164  -2.594  -7.393  1.00 58.02 ? 94  ILE A CG1 1 
ATOM   322 C CG2 . ILE A 1 40 ? -10.205 -1.237  -6.767  1.00 58.35 ? 94  ILE A CG2 1 
ATOM   323 C CD1 . ILE A 1 40 ? -8.762  -3.189  -8.654  1.00 59.19 ? 94  ILE A CD1 1 
ATOM   324 N N   . HIS A 1 41 ? -6.334  -2.904  -4.775  1.00 58.31 ? 95  HIS A N   1 
ATOM   325 C CA  . HIS A 1 41 ? -5.434  -3.957  -4.331  1.00 58.66 ? 95  HIS A CA  1 
ATOM   326 C C   . HIS A 1 41 ? -5.141  -3.952  -2.846  1.00 59.03 ? 95  HIS A C   1 
ATOM   327 O O   . HIS A 1 41 ? -4.624  -4.935  -2.316  1.00 57.98 ? 95  HIS A O   1 
ATOM   328 C CB  . HIS A 1 41 ? -4.115  -3.869  -5.084  1.00 59.22 ? 95  HIS A CB  1 
ATOM   329 C CG  . HIS A 1 41 ? -4.190  -4.398  -6.476  1.00 60.77 ? 95  HIS A CG  1 
ATOM   330 N ND1 . HIS A 1 41 ? -3.069  -4.645  -7.238  1.00 62.25 ? 95  HIS A ND1 1 
ATOM   331 C CD2 . HIS A 1 41 ? -5.251  -4.763  -7.232  1.00 60.91 ? 95  HIS A CD2 1 
ATOM   332 C CE1 . HIS A 1 41 ? -3.436  -5.146  -8.403  1.00 63.04 ? 95  HIS A CE1 1 
ATOM   333 N NE2 . HIS A 1 41 ? -4.755  -5.228  -8.425  1.00 63.47 ? 95  HIS A NE2 1 
ATOM   334 N N   . LEU A 1 42 ? -5.480  -2.858  -2.171  1.00 60.59 ? 96  LEU A N   1 
ATOM   335 C CA  . LEU A 1 42 ? -5.201  -2.745  -0.749  1.00 63.33 ? 96  LEU A CA  1 
ATOM   336 C C   . LEU A 1 42 ? -6.414  -2.541  0.148   1.00 65.93 ? 96  LEU A C   1 
ATOM   337 O O   . LEU A 1 42 ? -6.292  -2.535  1.375   1.00 66.70 ? 96  LEU A O   1 
ATOM   338 C CB  . LEU A 1 42 ? -4.199  -1.606  -0.515  1.00 61.79 ? 96  LEU A CB  1 
ATOM   339 C CG  . LEU A 1 42 ? -2.836  -1.767  -1.194  1.00 61.72 ? 96  LEU A CG  1 
ATOM   340 C CD1 . LEU A 1 42 ? -2.920  -1.295  -2.631  1.00 60.99 ? 96  LEU A CD1 1 
ATOM   341 C CD2 . LEU A 1 42 ? -1.795  -0.980  -0.448  1.00 61.51 ? 96  LEU A CD2 1 
ATOM   342 N N   . GLU A 1 43 ? -7.585  -2.391  -0.454  1.00 68.36 ? 97  GLU A N   1 
ATOM   343 C CA  . GLU A 1 43 ? -8.801  -2.157  0.317   1.00 70.51 ? 97  GLU A CA  1 
ATOM   344 C C   . GLU A 1 43 ? -9.048  -3.120  1.493   1.00 69.38 ? 97  GLU A C   1 
ATOM   345 O O   . GLU A 1 43 ? -9.674  -2.739  2.486   1.00 68.43 ? 97  GLU A O   1 
ATOM   346 C CB  . GLU A 1 43 ? -10.005 -2.117  -0.637  1.00 72.91 ? 97  GLU A CB  1 
ATOM   347 C CG  . GLU A 1 43 ? -9.792  -1.111  -1.772  1.00 78.14 ? 97  GLU A CG  1 
ATOM   348 C CD  . GLU A 1 43 ? -11.052 -0.795  -2.565  1.00 81.49 ? 97  GLU A CD  1 
ATOM   349 O OE1 . GLU A 1 43 ? -11.746 -1.741  -2.990  1.00 83.17 ? 97  GLU A OE1 1 
ATOM   350 O OE2 . GLU A 1 43 ? -11.339 0.408   -2.773  1.00 82.18 ? 97  GLU A OE2 1 
ATOM   351 N N   . ASP A 1 44 ? -8.553  -4.351  1.401   1.00 68.17 ? 98  ASP A N   1 
ATOM   352 C CA  . ASP A 1 44 ? -8.750  -5.305  2.489   1.00 68.28 ? 98  ASP A CA  1 
ATOM   353 C C   . ASP A 1 44 ? -7.569  -5.348  3.448   1.00 67.83 ? 98  ASP A C   1 
ATOM   354 O O   . ASP A 1 44 ? -7.478  -6.237  4.297   1.00 68.64 ? 98  ASP A O   1 
ATOM   355 C CB  . ASP A 1 44 ? -9.033  -6.715  1.947   1.00 68.96 ? 98  ASP A CB  1 
ATOM   356 C CG  . ASP A 1 44 ? -10.447 -6.859  1.388   1.00 70.15 ? 98  ASP A CG  1 
ATOM   357 O OD1 . ASP A 1 44 ? -11.404 -6.370  2.036   1.00 67.01 ? 98  ASP A OD1 1 
ATOM   358 O OD2 . ASP A 1 44 ? -10.602 -7.473  0.307   1.00 70.19 ? 98  ASP A OD2 1 
ATOM   359 N N   . CYS A 1 45 ? -6.664  -4.384  3.303   1.00 66.79 ? 99  CYS A N   1 
ATOM   360 C CA  . CYS A 1 45 ? -5.493  -4.267  4.169   1.00 65.22 ? 99  CYS A CA  1 
ATOM   361 C C   . CYS A 1 45 ? -5.710  -3.023  5.021   1.00 66.18 ? 99  CYS A C   1 
ATOM   362 O O   . CYS A 1 45 ? -4.940  -2.068  4.949   1.00 65.42 ? 99  CYS A O   1 
ATOM   363 C CB  . CYS A 1 45 ? -4.221  -4.099  3.334   1.00 63.63 ? 99  CYS A CB  1 
ATOM   364 S SG  . CYS A 1 45 ? -3.766  -5.533  2.355   1.00 58.98 ? 99  CYS A SG  1 
ATOM   365 N N   . LYS A 1 46 ? -6.766  -3.045  5.828   1.00 67.69 ? 100 LYS A N   1 
ATOM   366 C CA  . LYS A 1 46 ? -7.124  -1.905  6.666   1.00 67.22 ? 100 LYS A CA  1 
ATOM   367 C C   . LYS A 1 46 ? -6.138  -1.508  7.757   1.00 65.93 ? 100 LYS A C   1 
ATOM   368 O O   . LYS A 1 46 ? -6.079  -0.336  8.126   1.00 65.14 ? 100 LYS A O   1 
ATOM   369 C CB  . LYS A 1 46 ? -8.514  -2.116  7.268   1.00 69.89 ? 100 LYS A CB  1 
ATOM   370 C CG  . LYS A 1 46 ? -9.647  -1.975  6.249   1.00 71.85 ? 100 LYS A CG  1 
ATOM   371 C CD  . LYS A 1 46 ? -10.984 -1.764  6.941   1.00 73.87 ? 100 LYS A CD  1 
ATOM   372 C CE  . LYS A 1 46 ? -12.094 -1.466  5.944   1.00 75.19 ? 100 LYS A CE  1 
ATOM   373 N NZ  . LYS A 1 46 ? -13.374 -1.136  6.636   1.00 73.98 ? 100 LYS A NZ  1 
ATOM   374 N N   . GLU A 1 47 ? -5.375  -2.466  8.282   1.00 64.51 ? 101 GLU A N   1 
ATOM   375 C CA  . GLU A 1 47 ? -4.382  -2.148  9.312   1.00 63.51 ? 101 GLU A CA  1 
ATOM   376 C C   . GLU A 1 47 ? -3.361  -1.225  8.659   1.00 60.13 ? 101 GLU A C   1 
ATOM   377 O O   . GLU A 1 47 ? -2.918  -0.241  9.249   1.00 58.62 ? 101 GLU A O   1 
ATOM   378 C CB  . GLU A 1 47 ? -3.623  -3.394  9.775   1.00 68.26 ? 101 GLU A CB  1 
ATOM   379 C CG  . GLU A 1 47 ? -4.442  -4.556  10.296  1.00 74.05 ? 101 GLU A CG  1 
ATOM   380 C CD  . GLU A 1 47 ? -3.565  -5.778  10.559  1.00 77.38 ? 101 GLU A CD  1 
ATOM   381 O OE1 . GLU A 1 47 ? -2.621  -5.667  11.373  1.00 77.92 ? 101 GLU A OE1 1 
ATOM   382 O OE2 . GLU A 1 47 ? -3.807  -6.845  9.950   1.00 80.16 ? 101 GLU A OE2 1 
ATOM   383 N N   . VAL A 1 48 ? -2.986  -1.583  7.433   1.00 57.12 ? 102 VAL A N   1 
ATOM   384 C CA  . VAL A 1 48 ? -2.012  -0.837  6.645   1.00 53.95 ? 102 VAL A CA  1 
ATOM   385 C C   . VAL A 1 48 ? -2.535  0.530   6.203   1.00 51.52 ? 102 VAL A C   1 
ATOM   386 O O   . VAL A 1 48 ? -1.824  1.538   6.290   1.00 50.81 ? 102 VAL A O   1 
ATOM   387 C CB  . VAL A 1 48 ? -1.590  -1.660  5.409   1.00 52.84 ? 102 VAL A CB  1 
ATOM   388 C CG1 . VAL A 1 48 ? -0.609  -0.872  4.549   1.00 52.24 ? 102 VAL A CG1 1 
ATOM   389 C CG2 . VAL A 1 48 ? -0.960  -2.957  5.869   1.00 51.45 ? 102 VAL A CG2 1 
ATOM   390 N N   . LEU A 1 49 ? -3.778  0.562   5.737   1.00 49.80 ? 103 LEU A N   1 
ATOM   391 C CA  . LEU A 1 49 ? -4.392  1.804   5.290   1.00 49.90 ? 103 LEU A CA  1 
ATOM   392 C C   . LEU A 1 49 ? -4.526  2.794   6.443   1.00 51.43 ? 103 LEU A C   1 
ATOM   393 O O   . LEU A 1 49 ? -4.350  4.002   6.269   1.00 51.31 ? 103 LEU A O   1 
ATOM   394 C CB  . LEU A 1 49 ? -5.768  1.510   4.689   1.00 47.83 ? 103 LEU A CB  1 
ATOM   395 C CG  . LEU A 1 49 ? -5.747  0.694   3.392   1.00 48.28 ? 103 LEU A CG  1 
ATOM   396 C CD1 . LEU A 1 49 ? -7.111  0.087   3.102   1.00 46.78 ? 103 LEU A CD1 1 
ATOM   397 C CD2 . LEU A 1 49 ? -5.287  1.591   2.258   1.00 46.01 ? 103 LEU A CD2 1 
ATOM   398 N N   . LEU A 1 50 ? -4.839  2.277   7.625   1.00 54.34 ? 104 LEU A N   1 
ATOM   399 C CA  . LEU A 1 50 ? -5.007  3.110   8.808   1.00 55.41 ? 104 LEU A CA  1 
ATOM   400 C C   . LEU A 1 50 ? -3.684  3.718   9.253   1.00 54.42 ? 104 LEU A C   1 
ATOM   401 O O   . LEU A 1 50 ? -3.617  4.898   9.589   1.00 54.50 ? 104 LEU A O   1 
ATOM   402 C CB  . LEU A 1 50 ? -5.601  2.283   9.953   1.00 59.21 ? 104 LEU A CB  1 
ATOM   403 C CG  . LEU A 1 50 ? -5.985  3.054   11.223  1.00 61.35 ? 104 LEU A CG  1 
ATOM   404 C CD1 . LEU A 1 50 ? -7.078  4.068   10.885  1.00 61.06 ? 104 LEU A CD1 1 
ATOM   405 C CD2 . LEU A 1 50 ? -6.462  2.083   12.299  1.00 61.69 ? 104 LEU A CD2 1 
ATOM   406 N N   . GLU A 1 51 ? -2.634  2.903   9.252   1.00 52.88 ? 105 GLU A N   1 
ATOM   407 C CA  . GLU A 1 51 ? -1.318  3.359   9.659   1.00 53.23 ? 105 GLU A CA  1 
ATOM   408 C C   . GLU A 1 51 ? -0.769  4.425   8.723   1.00 52.23 ? 105 GLU A C   1 
ATOM   409 O O   . GLU A 1 51 ? 0.054   5.245   9.132   1.00 51.31 ? 105 GLU A O   1 
ATOM   410 C CB  . GLU A 1 51 ? -0.348  2.185   9.730   1.00 56.08 ? 105 GLU A CB  1 
ATOM   411 C CG  . GLU A 1 51 ? 0.987   2.553   10.332  1.00 62.40 ? 105 GLU A CG  1 
ATOM   412 C CD  . GLU A 1 51 ? 0.840   3.269   11.669  1.00 66.52 ? 105 GLU A CD  1 
ATOM   413 O OE1 . GLU A 1 51 ? 0.149   2.732   12.565  1.00 66.09 ? 105 GLU A OE1 1 
ATOM   414 O OE2 . GLU A 1 51 ? 1.419   4.369   11.819  1.00 69.96 ? 105 GLU A OE2 1 
ATOM   415 N N   . PHE A 1 52 ? -1.214  4.406   7.467   1.00 50.55 ? 106 PHE A N   1 
ATOM   416 C CA  . PHE A 1 52 ? -0.780  5.405   6.492   1.00 49.36 ? 106 PHE A CA  1 
ATOM   417 C C   . PHE A 1 52 ? -1.571  6.704   6.699   1.00 50.45 ? 106 PHE A C   1 
ATOM   418 O O   . PHE A 1 52 ? -1.030  7.798   6.554   1.00 48.62 ? 106 PHE A O   1 
ATOM   419 C CB  . PHE A 1 52 ? -0.984  4.896   5.055   1.00 46.03 ? 106 PHE A CB  1 
ATOM   420 C CG  . PHE A 1 52 ? -0.565  5.887   3.995   1.00 42.86 ? 106 PHE A CG  1 
ATOM   421 C CD1 . PHE A 1 52 ? 0.774   6.254   3.852   1.00 41.51 ? 106 PHE A CD1 1 
ATOM   422 C CD2 . PHE A 1 52 ? -1.514  6.500   3.183   1.00 40.72 ? 106 PHE A CD2 1 
ATOM   423 C CE1 . PHE A 1 52 ? 1.157   7.223   2.918   1.00 40.12 ? 106 PHE A CE1 1 
ATOM   424 C CE2 . PHE A 1 52 ? -1.144  7.467   2.251   1.00 38.55 ? 106 PHE A CE2 1 
ATOM   425 C CZ  . PHE A 1 52 ? 0.191   7.830   2.117   1.00 39.11 ? 106 PHE A CZ  1 
ATOM   426 N N   . ARG A 1 53 ? -2.852  6.581   7.041   1.00 54.06 ? 107 ARG A N   1 
ATOM   427 C CA  . ARG A 1 53 ? -3.691  7.755   7.276   1.00 57.94 ? 107 ARG A CA  1 
ATOM   428 C C   . ARG A 1 53 ? -3.146  8.552   8.463   1.00 58.21 ? 107 ARG A C   1 
ATOM   429 O O   . ARG A 1 53 ? -3.139  9.783   8.457   1.00 56.17 ? 107 ARG A O   1 
ATOM   430 C CB  . ARG A 1 53 ? -5.136  7.341   7.566   1.00 60.99 ? 107 ARG A CB  1 
ATOM   431 C CG  . ARG A 1 53 ? -6.065  8.537   7.796   1.00 67.79 ? 107 ARG A CG  1 
ATOM   432 C CD  . ARG A 1 53 ? -7.409  8.138   8.407   1.00 72.17 ? 107 ARG A CD  1 
ATOM   433 N NE  . ARG A 1 53 ? -7.316  7.802   9.830   1.00 76.54 ? 107 ARG A NE  1 
ATOM   434 C CZ  . ARG A 1 53 ? -7.053  8.677   10.800  1.00 78.19 ? 107 ARG A CZ  1 
ATOM   435 N NH1 . ARG A 1 53 ? -6.848  9.957   10.517  1.00 78.88 ? 107 ARG A NH1 1 
ATOM   436 N NH2 . ARG A 1 53 ? -7.003  8.271   12.063  1.00 78.87 ? 107 ARG A NH2 1 
ATOM   437 N N   . LYS A 1 54 ? -2.692  7.830   9.483   1.00 60.16 ? 108 LYS A N   1 
ATOM   438 C CA  . LYS A 1 54 ? -2.134  8.445   10.677  1.00 61.69 ? 108 LYS A CA  1 
ATOM   439 C C   . LYS A 1 54 ? -0.824  9.154   10.344  1.00 62.28 ? 108 LYS A C   1 
ATOM   440 O O   . LYS A 1 54 ? -0.663  10.342  10.619  1.00 61.74 ? 108 LYS A O   1 
ATOM   441 C CB  . LYS A 1 54 ? -1.877  7.381   11.745  1.00 62.58 ? 108 LYS A CB  1 
ATOM   442 C CG  . LYS A 1 54 ? -3.112  6.609   12.181  1.00 64.63 ? 108 LYS A CG  1 
ATOM   443 C CD  . LYS A 1 54 ? -2.745  5.522   13.193  1.00 66.47 ? 108 LYS A CD  1 
ATOM   444 C CE  . LYS A 1 54 ? -3.955  4.696   13.613  1.00 67.04 ? 108 LYS A CE  1 
ATOM   445 N NZ  . LYS A 1 54 ? -3.599  3.679   14.651  1.00 68.26 ? 108 LYS A NZ  1 
ATOM   446 N N   . LYS A 1 55 ? 0.112   8.415   9.756   1.00 62.75 ? 109 LYS A N   1 
ATOM   447 C CA  . LYS A 1 55 ? 1.407   8.977   9.394   1.00 64.75 ? 109 LYS A CA  1 
ATOM   448 C C   . LYS A 1 55 ? 1.284   10.289  8.628   1.00 65.11 ? 109 LYS A C   1 
ATOM   449 O O   . LYS A 1 55 ? 2.127   11.169  8.756   1.00 65.19 ? 109 LYS A O   1 
ATOM   450 C CB  . LYS A 1 55 ? 2.210   7.983   8.549   1.00 65.35 ? 109 LYS A CB  1 
ATOM   451 C CG  . LYS A 1 55 ? 3.421   8.614   7.862   1.00 66.20 ? 109 LYS A CG  1 
ATOM   452 C CD  . LYS A 1 55 ? 3.996   7.721   6.772   1.00 66.86 ? 109 LYS A CD  1 
ATOM   453 C CE  . LYS A 1 55 ? 5.080   8.442   5.984   1.00 66.38 ? 109 LYS A CE  1 
ATOM   454 N NZ  . LYS A 1 55 ? 5.666   7.583   4.919   1.00 67.15 ? 109 LYS A NZ  1 
ATOM   455 N N   . ILE A 1 56 ? 0.236   10.422  7.829   1.00 66.42 ? 110 ILE A N   1 
ATOM   456 C CA  . ILE A 1 56 ? 0.070   11.636  7.052   1.00 69.34 ? 110 ILE A CA  1 
ATOM   457 C C   . ILE A 1 56 ? -0.646  12.729  7.848   1.00 70.68 ? 110 ILE A C   1 
ATOM   458 O O   . ILE A 1 56 ? -0.426  13.919  7.618   1.00 70.69 ? 110 ILE A O   1 
ATOM   459 C CB  . ILE A 1 56 ? -0.690  11.347  5.730   1.00 70.15 ? 110 ILE A CB  1 
ATOM   460 C CG1 . ILE A 1 56 ? -0.642  12.571  4.819   1.00 69.66 ? 110 ILE A CG1 1 
ATOM   461 C CG2 . ILE A 1 56 ? -2.132  10.972  6.024   1.00 71.40 ? 110 ILE A CG2 1 
ATOM   462 C CD1 . ILE A 1 56 ? -1.288  12.351  3.472   1.00 70.27 ? 110 ILE A CD1 1 
ATOM   463 N N   . ALA A 1 57 ? -1.495  12.327  8.788   1.00 71.69 ? 111 ALA A N   1 
ATOM   464 C CA  . ALA A 1 57 ? -2.217  13.298  9.606   1.00 73.04 ? 111 ALA A CA  1 
ATOM   465 C C   . ALA A 1 57 ? -1.262  13.989  10.573  1.00 73.23 ? 111 ALA A C   1 
ATOM   466 O O   . ALA A 1 57 ? -1.337  15.196  10.767  1.00 72.27 ? 111 ALA A O   1 
ATOM   467 C CB  . ALA A 1 57 ? -3.346  12.613  10.379  1.00 73.09 ? 111 ALA A CB  1 
ATOM   468 N N   . GLU A 1 58 ? -0.356  13.216  11.166  1.00 74.86 ? 112 GLU A N   1 
ATOM   469 C CA  . GLU A 1 58 ? 0.609   13.755  12.115  1.00 77.41 ? 112 GLU A CA  1 
ATOM   470 C C   . GLU A 1 58 ? 1.751   14.505  11.447  1.00 78.96 ? 112 GLU A C   1 
ATOM   471 O O   . GLU A 1 58 ? 2.660   14.984  12.121  1.00 79.20 ? 112 GLU A O   1 
ATOM   472 C CB  . GLU A 1 58 ? 1.190   12.636  12.979  1.00 78.26 ? 112 GLU A CB  1 
ATOM   473 C CG  . GLU A 1 58 ? 1.844   11.514  12.193  1.00 79.32 ? 112 GLU A CG  1 
ATOM   474 C CD  . GLU A 1 58 ? 2.667   10.595  13.075  1.00 80.42 ? 112 GLU A CD  1 
ATOM   475 O OE1 . GLU A 1 58 ? 2.145   10.165  14.126  1.00 80.96 ? 112 GLU A OE1 1 
ATOM   476 O OE2 . GLU A 1 58 ? 3.833   10.299  12.717  1.00 80.25 ? 112 GLU A OE2 1 
ATOM   477 N N   . ASN A 1 59 ? 1.703   14.599  10.122  1.00 80.85 ? 113 ASN A N   1 
ATOM   478 C CA  . ASN A 1 59 ? 2.731   15.296  9.358   1.00 82.46 ? 113 ASN A CA  1 
ATOM   479 C C   . ASN A 1 59 ? 2.169   16.539  8.691   1.00 83.76 ? 113 ASN A C   1 
ATOM   480 O O   . ASN A 1 59 ? 2.919   17.424  8.283   1.00 83.55 ? 113 ASN A O   1 
ATOM   481 C CB  . ASN A 1 59 ? 3.306   14.373  8.289   1.00 83.41 ? 113 ASN A CB  1 
ATOM   482 C CG  . ASN A 1 59 ? 4.209   13.310  8.863   1.00 85.00 ? 113 ASN A CG  1 
ATOM   483 O OD1 . ASN A 1 59 ? 3.903   12.712  9.896   1.00 85.79 ? 113 ASN A OD1 1 
ATOM   484 N ND2 . ASN A 1 59 ? 5.329   13.060  8.194   1.00 85.69 ? 113 ASN A ND2 1 
ATOM   485 N N   . LYS A 1 60 ? 0.845   16.604  8.584   1.00 85.81 ? 114 LYS A N   1 
ATOM   486 C CA  . LYS A 1 60 ? 0.188   17.739  7.947   1.00 88.00 ? 114 LYS A CA  1 
ATOM   487 C C   . LYS A 1 60 ? 0.648   19.083  8.513   1.00 88.96 ? 114 LYS A C   1 
ATOM   488 O O   . LYS A 1 60 ? 0.249   19.486  9.610   1.00 87.97 ? 114 LYS A O   1 
ATOM   489 C CB  . LYS A 1 60 ? -1.336  17.613  8.063   1.00 88.46 ? 114 LYS A CB  1 
ATOM   490 C CG  . LYS A 1 60 ? -2.080  18.647  7.231   1.00 90.48 ? 114 LYS A CG  1 
ATOM   491 C CD  . LYS A 1 60 ? -3.580  18.402  7.194   1.00 92.26 ? 114 LYS A CD  1 
ATOM   492 C CE  . LYS A 1 60 ? -4.290  19.493  6.392   1.00 93.98 ? 114 LYS A CE  1 
ATOM   493 N NZ  . LYS A 1 60 ? -5.775  19.332  6.358   1.00 94.92 ? 114 LYS A NZ  1 
ATOM   494 N N   . ALA A 1 61 ? 1.494   19.766  7.745   1.00 90.44 ? 115 ALA A N   1 
ATOM   495 C CA  . ALA A 1 61 ? 2.032   21.068  8.127   1.00 91.84 ? 115 ALA A CA  1 
ATOM   496 C C   . ALA A 1 61 ? 1.044   22.178  7.791   1.00 92.64 ? 115 ALA A C   1 
ATOM   497 O O   . ALA A 1 61 ? -0.048  21.857  7.270   1.00 93.06 ? 115 ALA A O   1 
ATOM   498 C CB  . ALA A 1 61 ? 3.359   21.318  7.409   1.00 91.27 ? 115 ALA A CB  1 
ATOM   499 N N   . TYR B 2 1  ? -9.878  -12.569 14.464  1.00 85.66 ? 39  TYR P N   1 
ATOM   500 C CA  . TYR B 2 1  ? -9.892  -12.359 12.984  1.00 86.20 ? 39  TYR P CA  1 
ATOM   501 C C   . TYR B 2 1  ? -9.163  -11.072 12.618  1.00 85.86 ? 39  TYR P C   1 
ATOM   502 O O   . TYR B 2 1  ? -9.594  -9.986  13.001  1.00 86.90 ? 39  TYR P O   1 
ATOM   503 C CB  . TYR B 2 1  ? -11.328 -12.303 12.479  1.00 85.83 ? 39  TYR P CB  1 
ATOM   504 N N   . GLU B 2 2  ? -8.066  -11.198 11.873  1.00 85.02 ? 40  GLU P N   1 
ATOM   505 C CA  . GLU B 2 2  ? -7.271  -10.042 11.458  1.00 83.63 ? 40  GLU P CA  1 
ATOM   506 C C   . GLU B 2 2  ? -7.388  -9.776  9.953   1.00 82.93 ? 40  GLU P C   1 
ATOM   507 O O   . GLU B 2 2  ? -7.730  -10.676 9.182   1.00 83.50 ? 40  GLU P O   1 
ATOM   508 C CB  . GLU B 2 2  ? -5.811  -10.264 11.839  1.00 83.12 ? 40  GLU P CB  1 
ATOM   509 N N   . PRO B 2 3  ? -7.105  -8.528  9.516   1.00 81.56 ? 41  PRO P N   1 
ATOM   510 C CA  . PRO B 2 3  ? -7.165  -8.110  8.107   1.00 80.08 ? 41  PRO P CA  1 
ATOM   511 C C   . PRO B 2 3  ? -6.363  -9.013  7.158   1.00 79.04 ? 41  PRO P C   1 
ATOM   512 O O   . PRO B 2 3  ? -5.573  -9.846  7.609   1.00 79.15 ? 41  PRO P O   1 
ATOM   513 C CB  . PRO B 2 3  ? -6.621  -6.687  8.153   1.00 79.56 ? 41  PRO P CB  1 
ATOM   514 C CG  . PRO B 2 3  ? -7.100  -6.207  9.467   1.00 79.48 ? 41  PRO P CG  1 
ATOM   515 C CD  . PRO B 2 3  ? -6.800  -7.373  10.379  1.00 80.10 ? 41  PRO P CD  1 
ATOM   516 N N   . SER B 2 4  ? -6.557  -8.829  5.852   1.00 77.11 ? 42  SER P N   1 
ATOM   517 C CA  . SER B 2 4  ? -5.879  -9.647  4.845   1.00 75.04 ? 42  SER P CA  1 
ATOM   518 C C   . SER B 2 4  ? -4.358  -9.663  4.957   1.00 73.39 ? 42  SER P C   1 
ATOM   519 O O   . SER B 2 4  ? -3.749  -10.734 4.895   1.00 73.25 ? 42  SER P O   1 
ATOM   520 C CB  . SER B 2 4  ? -6.273  -9.200  3.438   1.00 75.84 ? 42  SER P CB  1 
ATOM   521 O OG  . SER B 2 4  ? -5.570  -8.037  3.053   1.00 77.73 ? 42  SER P OG  1 
ATOM   522 N N   . THR B 2 5  ? -3.758  -8.481  5.110   1.00 70.53 ? 43  THR P N   1 
ATOM   523 C CA  . THR B 2 5  ? -2.303  -8.323  5.242   1.00 67.03 ? 43  THR P CA  1 
ATOM   524 C C   . THR B 2 5  ? -1.553  -8.561  3.940   1.00 64.41 ? 43  THR P C   1 
ATOM   525 O O   . THR B 2 5  ? -0.369  -8.267  3.843   1.00 62.24 ? 43  THR P O   1 
ATOM   526 C CB  . THR B 2 5  ? -1.702  -9.278  6.328   1.00 68.01 ? 43  THR P CB  1 
ATOM   527 O OG1 . THR B 2 5  ? -0.585  -8.641  6.955   1.00 66.97 ? 43  THR P OG1 1 
ATOM   528 C CG2 . THR B 2 5  ? -1.208  -10.585 5.708   1.00 66.82 ? 43  THR P CG2 1 
ATOM   529 N N   . THR B 2 6  ? -2.241  -9.109  2.948   1.00 63.12 ? 44  THR P N   1 
ATOM   530 C CA  . THR B 2 6  ? -1.625  -9.378  1.657   1.00 61.94 ? 44  THR P CA  1 
ATOM   531 C C   . THR B 2 6  ? -2.365  -8.637  0.562   1.00 61.07 ? 44  THR P C   1 
ATOM   532 O O   . THR B 2 6  ? -3.501  -8.207  0.746   1.00 61.25 ? 44  THR P O   1 
ATOM   533 C CB  . THR B 2 6  ? -1.660  -10.868 1.304   1.00 62.48 ? 44  THR P CB  1 
ATOM   534 O OG1 . THR B 2 6  ? -3.021  -11.291 1.184   1.00 61.10 ? 44  THR P OG1 1 
ATOM   535 C CG2 . THR B 2 6  ? -0.955  -11.688 2.371   1.00 62.73 ? 44  THR P CG2 1 
ATOM   536 N N   . ALA B 2 7  ? -1.712  -8.490  -0.579  1.00 60.10 ? 45  ALA P N   1 
ATOM   537 C CA  . ALA B 2 7  ? -2.313  -7.808  -1.707  1.00 60.65 ? 45  ALA P CA  1 
ATOM   538 C C   . ALA B 2 7  ? -1.630  -8.303  -2.963  1.00 62.16 ? 45  ALA P C   1 
ATOM   539 O O   . ALA B 2 7  ? -0.484  -8.755  -2.914  1.00 61.55 ? 45  ALA P O   1 
ATOM   540 C CB  . ALA B 2 7  ? -2.136  -6.310  -1.565  1.00 58.85 ? 45  ALA P CB  1 
ATOM   541 N N   . ARG B 2 8  ? -2.336  -8.242  -4.089  1.00 62.67 ? 46  ARG P N   1 
ATOM   542 C CA  . ARG B 2 8  ? -1.743  -8.684  -5.337  1.00 62.83 ? 46  ARG P CA  1 
ATOM   543 C C   . ARG B 2 8  ? -0.871  -7.570  -5.850  1.00 61.33 ? 46  ARG P C   1 
ATOM   544 O O   . ARG B 2 8  ? -1.083  -6.399  -5.537  1.00 60.55 ? 46  ARG P O   1 
ATOM   545 C CB  . ARG B 2 8  ? -2.817  -9.065  -6.368  1.00 65.48 ? 46  ARG P CB  1 
ATOM   546 C CG  . ARG B 2 8  ? -4.058  -8.207  -6.331  1.00 70.30 ? 46  ARG P CG  1 
ATOM   547 C CD  . ARG B 2 8  ? -5.182  -8.767  -7.206  1.00 72.03 ? 46  ARG P CD  1 
ATOM   548 N NE  . ARG B 2 8  ? -6.467  -8.160  -6.851  1.00 74.69 ? 46  ARG P NE  1 
ATOM   549 C CZ  . ARG B 2 8  ? -7.545  -8.153  -7.632  1.00 75.57 ? 46  ARG P CZ  1 
ATOM   550 N NH1 . ARG B 2 8  ? -7.507  -8.721  -8.830  1.00 76.64 ? 46  ARG P NH1 1 
ATOM   551 N NH2 . ARG B 2 8  ? -8.663  -7.575  -7.213  1.00 74.92 ? 46  ARG P NH2 1 
HETATM 552 N N   . MLY B 2 9  ? 0.127   -7.943  -6.628  1.00 59.78 ? 47  MLY P N   1 
HETATM 553 C CA  . MLY B 2 9  ? 1.056   -6.980  -7.172  1.00 59.45 ? 47  MLY P CA  1 
HETATM 554 C CB  . MLY B 2 9  ? 2.479   -7.374  -6.769  1.00 57.29 ? 47  MLY P CB  1 
HETATM 555 C CG  . MLY B 2 9  ? 3.522   -6.372  -7.166  1.00 55.71 ? 47  MLY P CG  1 
HETATM 556 C CD  . MLY B 2 9  ? 4.903   -6.967  -7.128  1.00 52.42 ? 47  MLY P CD  1 
HETATM 557 C CE  . MLY B 2 9  ? 5.321   -7.382  -5.735  1.00 49.94 ? 47  MLY P CE  1 
HETATM 558 N NZ  . MLY B 2 9  ? 6.710   -7.849  -5.720  1.00 48.71 ? 47  MLY P NZ  1 
HETATM 559 C CH1 A MLY B 2 9  ? 7.673   -6.828  -6.230  0.34 51.00 ? 47  MLY P CH1 1 
HETATM 560 C CH1 B MLY B 2 9  ? 6.894   -9.045  -6.580  0.33 50.97 ? 47  MLY P CH1 1 
HETATM 561 C CH1 C MLY B 2 9  ? 7.172   -8.198  -4.364  0.33 48.36 ? 47  MLY P CH1 1 
HETATM 562 C CH2 C MLY B 2 9  ? 7.673   -6.828  -6.230  0.33 51.00 ? 47  MLY P CH2 1 
HETATM 563 C C   . MLY B 2 9  ? 0.951   -6.929  -8.690  1.00 60.26 ? 47  MLY P C   1 
HETATM 564 O O   . MLY B 2 9  ? 1.413   -7.838  -9.367  1.00 61.78 ? 47  MLY P O   1 
ATOM   565 N N   . VAL B 2 10 ? 0.337   -5.885  -9.232  1.00 61.27 ? 48  VAL P N   1 
ATOM   566 C CA  . VAL B 2 10 ? 0.238   -5.772  -10.680 1.00 64.20 ? 48  VAL P CA  1 
ATOM   567 C C   . VAL B 2 10 ? 1.437   -4.997  -11.199 1.00 67.33 ? 48  VAL P C   1 
ATOM   568 O O   . VAL B 2 10 ? 1.837   -5.155  -12.357 1.00 67.42 ? 48  VAL P O   1 
ATOM   569 C CB  . VAL B 2 10 ? -1.024  -5.026  -11.132 1.00 63.51 ? 48  VAL P CB  1 
ATOM   570 C CG1 . VAL B 2 10 ? -1.024  -3.604  -10.593 1.00 62.88 ? 48  VAL P CG1 1 
ATOM   571 C CG2 . VAL B 2 10 ? -1.071  -4.997  -12.641 1.00 63.36 ? 48  VAL P CG2 1 
ATOM   572 N N   . GLY B 2 11 ? 1.999   -4.162  -10.324 1.00 70.57 ? 49  GLY P N   1 
ATOM   573 C CA  . GLY B 2 11 ? 3.146   -3.344  -10.675 1.00 74.25 ? 49  GLY P CA  1 
ATOM   574 C C   . GLY B 2 11 ? 4.353   -4.179  -11.037 1.00 77.63 ? 49  GLY P C   1 
ATOM   575 O O   . GLY B 2 11 ? 5.172   -3.768  -11.864 1.00 78.61 ? 49  GLY P O   1 
ATOM   576 N N   . ARG B 2 12 ? 4.452   -5.351  -10.407 1.00 79.82 ? 50  ARG P N   1 
ATOM   577 C CA  . ARG B 2 12 ? 5.538   -6.310  -10.621 1.00 80.90 ? 50  ARG P CA  1 
ATOM   578 C C   . ARG B 2 12 ? 6.919   -5.666  -10.723 1.00 81.71 ? 50  ARG P C   1 
ATOM   579 O O   . ARG B 2 12 ? 7.690   -5.777  -9.744  1.00 83.09 ? 50  ARG P O   1 
ATOM   580 C CB  . ARG B 2 12 ? 5.253   -7.146  -11.873 1.00 80.55 ? 50  ARG P CB  1 
HETATM 581 O O   . HOH C 3 .  ? 6.306   -9.668  0.586   1.00 52.56 ? 1   HOH A O   1 
HETATM 582 O O   . HOH C 3 .  ? 8.279   1.663   -8.852  1.00 50.92 ? 2   HOH A O   1 
HETATM 583 O O   . HOH C 3 .  ? -9.726  4.039   -11.453 1.00 62.09 ? 3   HOH A O   1 
HETATM 584 O O   . HOH C 3 .  ? 5.316   0.744   -9.895  1.00 56.58 ? 4   HOH A O   1 
HETATM 585 O O   . HOH C 3 .  ? 9.392   -3.415  -1.641  1.00 45.06 ? 5   HOH A O   1 
HETATM 586 O O   . HOH C 3 .  ? -6.576  -6.379  -0.299  1.00 56.11 ? 7   HOH A O   1 
HETATM 587 O O   . HOH C 3 .  ? 7.279   11.273  7.304   1.00 66.49 ? 9   HOH A O   1 
HETATM 588 O O   . HOH C 3 .  ? -0.253  12.609  -9.551  1.00 45.08 ? 10  HOH A O   1 
HETATM 589 O O   . HOH C 3 .  ? -10.789 7.851   -7.457  1.00 51.14 ? 11  HOH A O   1 
HETATM 590 O O   . HOH C 3 .  ? -3.372  -0.365  -17.683 1.00 62.73 ? 14  HOH A O   1 
HETATM 591 O O   . HOH C 3 .  ? 11.116  -2.690  4.663   1.00 53.58 ? 16  HOH A O   1 
HETATM 592 O O   . HOH C 3 .  ? -2.162  1.935   -12.857 1.00 58.94 ? 17  HOH A O   1 
HETATM 593 O O   . HOH C 3 .  ? 15.469  1.847   -3.619  1.00 38.81 ? 18  HOH A O   1 
HETATM 594 O O   . HOH C 3 .  ? 10.910  -0.791  -8.738  1.00 51.98 ? 19  HOH A O   1 
HETATM 595 O O   . HOH C 3 .  ? 14.215  -6.366  -3.033  1.00 54.22 ? 22  HOH A O   1 
HETATM 596 O O   . HOH C 3 .  ? 15.361  -8.055  -7.041  1.00 54.45 ? 23  HOH A O   1 
HETATM 597 O O   . HOH C 3 .  ? -12.565 -7.994  -1.842  1.00 62.78 ? 26  HOH A O   1 
HETATM 598 O O   . HOH D 3 .  ? -4.930  -7.635  -3.811  1.00 52.70 ? 6   HOH P O   1 
HETATM 599 O O   . HOH D 3 .  ? -4.268  -5.384  6.492   1.00 54.25 ? 8   HOH P O   1 
HETATM 600 O O   . HOH D 3 .  ? -1.696  -1.653  -18.651 1.00 52.83 ? 13  HOH P O   1 
HETATM 601 O O   . HOH D 3 .  ? -9.089  -9.431  -4.764  1.00 54.66 ? 15  HOH P O   1 
HETATM 602 O O   . HOH D 3 .  ? 7.455   -1.885  -11.988 1.00 47.93 ? 20  HOH P O   1 
HETATM 603 O O   . HOH D 3 .  ? 7.452   -3.228  -15.335 1.00 67.64 ? 21  HOH P O   1 
HETATM 604 O O   . HOH D 3 .  ? -10.836 -8.087  -8.615  1.00 66.77 ? 25  HOH P O   1 
# 
loop_
_pdbx_poly_seq_scheme.asym_id 
_pdbx_poly_seq_scheme.entity_id 
_pdbx_poly_seq_scheme.seq_id 
_pdbx_poly_seq_scheme.mon_id 
_pdbx_poly_seq_scheme.ndb_seq_num 
_pdbx_poly_seq_scheme.pdb_seq_num 
_pdbx_poly_seq_scheme.auth_seq_num 
_pdbx_poly_seq_scheme.pdb_mon_id 
_pdbx_poly_seq_scheme.auth_mon_id 
_pdbx_poly_seq_scheme.pdb_strand_id 
_pdbx_poly_seq_scheme.pdb_ins_code 
_pdbx_poly_seq_scheme.hetero 
A 1 1  GLY 1  55  ?   ?   ?   A . n 
A 1 2  GLU 2  56  56  GLU ALA A . n 
A 1 3  ASP 3  57  57  ASP ASP A . n 
A 1 4  VAL 4  58  58  VAL VAL A . n 
A 1 5  PHE 5  59  59  PHE PHE A . n 
A 1 6  GLU 6  60  60  GLU GLU A . n 
A 1 7  VAL 7  61  61  VAL VAL A . n 
A 1 8  GLU 8  62  62  GLU GLU A . n 
A 1 9  LYS 9  63  63  LYS LYS A . n 
A 1 10 ILE 10 64  64  ILE ILE A . n 
A 1 11 LEU 11 65  65  LEU LEU A . n 
A 1 12 ASP 12 66  66  ASP ASP A . n 
A 1 13 MET 13 67  67  MET MET A . n 
A 1 14 LYS 14 68  68  LYS LYS A . n 
A 1 15 THR 15 69  69  THR THR A . n 
A 1 16 GLU 16 70  70  GLU GLU A . n 
A 1 17 GLY 17 71  71  GLY GLY A . n 
A 1 18 GLY 18 72  72  GLY GLY A . n 
A 1 19 LYS 19 73  73  LYS LYS A . n 
A 1 20 VAL 20 74  74  VAL VAL A . n 
A 1 21 LEU 21 75  75  LEU LEU A . n 
A 1 22 TYR 22 76  76  TYR TYR A . n 
A 1 23 LYS 23 77  77  LYS LYS A . n 
A 1 24 VAL 24 78  78  VAL VAL A . n 
A 1 25 ARG 25 79  79  ARG ARG A . n 
A 1 26 TRP 26 80  80  TRP TRP A . n 
A 1 27 LYS 27 81  81  LYS LYS A . n 
A 1 28 GLY 28 82  82  GLY GLY A . n 
A 1 29 TYR 29 83  83  TYR TYR A . n 
A 1 30 THR 30 84  84  THR THR A . n 
A 1 31 SER 31 85  85  SER SER A . n 
A 1 32 ASP 32 86  86  ASP ASP A . n 
A 1 33 ASP 33 87  87  ASP ASP A . n 
A 1 34 ASP 34 88  88  ASP ASP A . n 
A 1 35 THR 35 89  89  THR THR A . n 
A 1 36 TRP 36 90  90  TRP TRP A . n 
A 1 37 GLU 37 91  91  GLU GLU A . n 
A 1 38 PRO 38 92  92  PRO PRO A . n 
A 1 39 GLU 39 93  93  GLU GLU A . n 
A 1 40 ILE 40 94  94  ILE ILE A . n 
A 1 41 HIS 41 95  95  HIS HIS A . n 
A 1 42 LEU 42 96  96  LEU LEU A . n 
A 1 43 GLU 43 97  97  GLU GLU A . n 
A 1 44 ASP 44 98  98  ASP ASP A . n 
A 1 45 CYS 45 99  99  CYS CYS A . n 
A 1 46 LYS 46 100 100 LYS LYS A . n 
A 1 47 GLU 47 101 101 GLU GLU A . n 
A 1 48 VAL 48 102 102 VAL VAL A . n 
A 1 49 LEU 49 103 103 LEU LEU A . n 
A 1 50 LEU 50 104 104 LEU LEU A . n 
A 1 51 GLU 51 105 105 GLU GLU A . n 
A 1 52 PHE 52 106 106 PHE PHE A . n 
A 1 53 ARG 53 107 107 ARG ARG A . n 
A 1 54 LYS 54 108 108 LYS LYS A . n 
A 1 55 LYS 55 109 109 LYS LYS A . n 
A 1 56 ILE 56 110 110 ILE ILE A . n 
A 1 57 ALA 57 111 111 ALA ALA A . n 
A 1 58 GLU 58 112 112 GLU GLU A . n 
A 1 59 ASN 59 113 113 ASN ASN A . n 
A 1 60 LYS 60 114 114 LYS LYS A . n 
A 1 61 ALA 61 115 115 ALA ALA A . n 
A 1 62 LYS 62 116 ?   ?   ?   A . n 
B 2 1  TYR 1  39  39  TYR TYR P . n 
B 2 2  GLU 2  40  40  GLU GLU P . n 
B 2 3  PRO 3  41  41  PRO PRO P . n 
B 2 4  SER 4  42  42  SER SER P . n 
B 2 5  THR 5  43  43  THR THR P . n 
B 2 6  THR 6  44  44  THR THR P . n 
B 2 7  ALA 7  45  45  ALA ALA P . n 
B 2 8  ARG 8  46  46  ARG ARG P . n 
B 2 9  MLY 9  47  47  MLY MLY P . n 
B 2 10 VAL 10 48  48  VAL VAL P . n 
B 2 11 GLY 11 49  49  GLY GLY P . n 
B 2 12 ARG 12 50  50  ARG ALA P . n 
B 2 13 PRO 13 51  ?   ?   ?   P . n 
B 2 14 GLY 14 52  ?   ?   ?   P . n 
B 2 15 ARG 15 53  ?   ?   ?   P . n 
# 
loop_
_pdbx_nonpoly_scheme.asym_id 
_pdbx_nonpoly_scheme.entity_id 
_pdbx_nonpoly_scheme.mon_id 
_pdbx_nonpoly_scheme.ndb_seq_num 
_pdbx_nonpoly_scheme.pdb_seq_num 
_pdbx_nonpoly_scheme.auth_seq_num 
_pdbx_nonpoly_scheme.pdb_mon_id 
_pdbx_nonpoly_scheme.auth_mon_id 
_pdbx_nonpoly_scheme.pdb_strand_id 
_pdbx_nonpoly_scheme.pdb_ins_code 
C 3 HOH 1  1  1  HOH TIP A . 
C 3 HOH 2  2  2  HOH TIP A . 
C 3 HOH 3  3  3  HOH TIP A . 
C 3 HOH 4  4  4  HOH TIP A . 
C 3 HOH 5  5  5  HOH TIP A . 
C 3 HOH 6  7  7  HOH TIP A . 
C 3 HOH 7  9  9  HOH TIP A . 
C 3 HOH 8  10 10 HOH TIP A . 
C 3 HOH 9  11 11 HOH TIP A . 
C 3 HOH 10 14 14 HOH TIP A . 
C 3 HOH 11 16 16 HOH TIP A . 
C 3 HOH 12 17 17 HOH TIP A . 
C 3 HOH 13 18 18 HOH TIP A . 
C 3 HOH 14 19 19 HOH TIP A . 
C 3 HOH 15 22 22 HOH TIP A . 
C 3 HOH 16 23 23 HOH TIP A . 
C 3 HOH 17 26 26 HOH TIP A . 
D 3 HOH 1  6  6  HOH TIP P . 
D 3 HOH 2  8  8  HOH TIP P . 
D 3 HOH 3  13 13 HOH TIP P . 
D 3 HOH 4  15 15 HOH TIP P . 
D 3 HOH 5  20 20 HOH TIP P . 
D 3 HOH 6  21 21 HOH TIP P . 
D 3 HOH 7  25 25 HOH TIP P . 
# 
_pdbx_struct_mod_residue.id               1 
_pdbx_struct_mod_residue.label_asym_id    B 
_pdbx_struct_mod_residue.label_comp_id    MLY 
_pdbx_struct_mod_residue.label_seq_id     9 
_pdbx_struct_mod_residue.auth_asym_id     P 
_pdbx_struct_mod_residue.auth_comp_id     MLY 
_pdbx_struct_mod_residue.auth_seq_id      47 
_pdbx_struct_mod_residue.PDB_ins_code     ? 
_pdbx_struct_mod_residue.parent_comp_id   LYS 
_pdbx_struct_mod_residue.details          N-DIMETHYL-LYSINE 
# 
loop_
_pdbx_struct_assembly.id 
_pdbx_struct_assembly.details 
_pdbx_struct_assembly.method_details 
_pdbx_struct_assembly.oligomeric_details 
_pdbx_struct_assembly.oligomeric_count 
1 author_and_software_defined_assembly PISA dimeric    2 
2 software_defined_assembly            PISA tetrameric 4 
# 
loop_
_pdbx_struct_assembly_gen.assembly_id 
_pdbx_struct_assembly_gen.oper_expression 
_pdbx_struct_assembly_gen.asym_id_list 
1 1   A,B,C,D 
2 1,2 A,B,C,D 
# 
loop_
_pdbx_struct_assembly_prop.biol_id 
_pdbx_struct_assembly_prop.type 
_pdbx_struct_assembly_prop.value 
_pdbx_struct_assembly_prop.details 
1 'ABSA (A^2)' 1360 ? 
1 MORE         -9   ? 
1 'SSA (A^2)'  5020 ? 
2 'ABSA (A^2)' 4110 ? 
2 MORE         -24  ? 
2 'SSA (A^2)'  8650 ? 
# 
loop_
_pdbx_struct_oper_list.id 
_pdbx_struct_oper_list.type 
_pdbx_struct_oper_list.name 
_pdbx_struct_oper_list.symmetry_operation 
_pdbx_struct_oper_list.matrix[1][1] 
_pdbx_struct_oper_list.matrix[1][2] 
_pdbx_struct_oper_list.matrix[1][3] 
_pdbx_struct_oper_list.vector[1] 
_pdbx_struct_oper_list.matrix[2][1] 
_pdbx_struct_oper_list.matrix[2][2] 
_pdbx_struct_oper_list.matrix[2][3] 
_pdbx_struct_oper_list.vector[2] 
_pdbx_struct_oper_list.matrix[3][1] 
_pdbx_struct_oper_list.matrix[3][2] 
_pdbx_struct_oper_list.matrix[3][3] 
_pdbx_struct_oper_list.vector[3] 
1 'identity operation'         1_555 x,y,z     1.0000000000 0.0000000000  0.0000000000  0.0000000000  0.0000000000  1.0000000000  0.0000000000 0.0000000000  0.0000000000  0.0000000000 1.0000000000  0.0000000000  
2 'crystal symmetry operation' 2_545 -x,-y-1,z 0.1638385831 -0.0182077348 -0.9863191152 -4.7942266676 -0.0182077348 -0.9997151481 0.0154305220 22.9569823273 -0.9863191152 0.0154305220 -0.1641234349 -6.0808926087 
# 
loop_
_pdbx_audit_revision_history.ordinal 
_pdbx_audit_revision_history.data_content_type 
_pdbx_audit_revision_history.major_revision 
_pdbx_audit_revision_history.minor_revision 
_pdbx_audit_revision_history.revision_date 
1 'Structure model' 1 0 2011-11-30 
2 'Structure model' 1 1 2023-09-13 
# 
_pdbx_audit_revision_details.ordinal             1 
_pdbx_audit_revision_details.revision_ordinal    1 
_pdbx_audit_revision_details.data_content_type   'Structure model' 
_pdbx_audit_revision_details.provider            repository 
_pdbx_audit_revision_details.type                'Initial release' 
_pdbx_audit_revision_details.description         ? 
_pdbx_audit_revision_details.details             ? 
# 
loop_
_pdbx_audit_revision_group.ordinal 
_pdbx_audit_revision_group.revision_ordinal 
_pdbx_audit_revision_group.data_content_type 
_pdbx_audit_revision_group.group 
1 2 'Structure model' 'Data collection'        
2 2 'Structure model' 'Database references'    
3 2 'Structure model' 'Derived calculations'   
4 2 'Structure model' 'Refinement description' 
# 
loop_
_pdbx_audit_revision_category.ordinal 
_pdbx_audit_revision_category.revision_ordinal 
_pdbx_audit_revision_category.data_content_type 
_pdbx_audit_revision_category.category 
1 2 'Structure model' chem_comp_atom                
2 2 'Structure model' chem_comp_bond                
3 2 'Structure model' database_2                    
4 2 'Structure model' pdbx_initial_refinement_model 
5 2 'Structure model' struct_conn                   
6 2 'Structure model' struct_ref_seq_dif            
# 
loop_
_pdbx_audit_revision_item.ordinal 
_pdbx_audit_revision_item.revision_ordinal 
_pdbx_audit_revision_item.data_content_type 
_pdbx_audit_revision_item.item 
1 2 'Structure model' '_database_2.pdbx_DOI'                
2 2 'Structure model' '_database_2.pdbx_database_accession' 
3 2 'Structure model' '_struct_conn.pdbx_leaving_atom_flag' 
4 2 'Structure model' '_struct_ref_seq_dif.details'         
# 
loop_
_software.name 
_software.classification 
_software.version 
_software.citation_id 
_software.pdbx_ordinal 
HKL-2000 'data collection' .   ? 1 
PHASER   phasing           .   ? 2 
CNS      refinement        1.2 ? 3 
HKL-2000 'data reduction'  .   ? 4 
HKL-2000 'data scaling'    .   ? 5 
# 
loop_
_pdbx_validate_torsion.id 
_pdbx_validate_torsion.PDB_model_num 
_pdbx_validate_torsion.auth_comp_id 
_pdbx_validate_torsion.auth_asym_id 
_pdbx_validate_torsion.auth_seq_id 
_pdbx_validate_torsion.PDB_ins_code 
_pdbx_validate_torsion.label_alt_id 
_pdbx_validate_torsion.phi 
_pdbx_validate_torsion.psi 
1 1 ASP A 57  ? ? 51.07   -55.15 
2 1 VAL A 58  ? ? 81.26   133.62 
3 1 CYS A 99  ? ? -110.44 62.14  
4 1 LYS A 114 ? ? -51.63  103.83 
5 1 THR P 43  ? ? 72.35   -12.11 
# 
loop_
_pdbx_unobs_or_zero_occ_atoms.id 
_pdbx_unobs_or_zero_occ_atoms.PDB_model_num 
_pdbx_unobs_or_zero_occ_atoms.polymer_flag 
_pdbx_unobs_or_zero_occ_atoms.occupancy_flag 
_pdbx_unobs_or_zero_occ_atoms.auth_asym_id 
_pdbx_unobs_or_zero_occ_atoms.auth_comp_id 
_pdbx_unobs_or_zero_occ_atoms.auth_seq_id 
_pdbx_unobs_or_zero_occ_atoms.PDB_ins_code 
_pdbx_unobs_or_zero_occ_atoms.auth_atom_id 
_pdbx_unobs_or_zero_occ_atoms.label_alt_id 
_pdbx_unobs_or_zero_occ_atoms.label_asym_id 
_pdbx_unobs_or_zero_occ_atoms.label_comp_id 
_pdbx_unobs_or_zero_occ_atoms.label_seq_id 
_pdbx_unobs_or_zero_occ_atoms.label_atom_id 
1  1 Y 1 A GLU 56 ? CG  ? A GLU 2  CG  
2  1 Y 1 A GLU 56 ? CD  ? A GLU 2  CD  
3  1 Y 1 A GLU 56 ? OE1 ? A GLU 2  OE1 
4  1 Y 1 A GLU 56 ? OE2 ? A GLU 2  OE2 
5  1 Y 1 P TYR 39 ? CG  ? B TYR 1  CG  
6  1 Y 1 P TYR 39 ? CD1 ? B TYR 1  CD1 
7  1 Y 1 P TYR 39 ? CD2 ? B TYR 1  CD2 
8  1 Y 1 P TYR 39 ? CE1 ? B TYR 1  CE1 
9  1 Y 1 P TYR 39 ? CE2 ? B TYR 1  CE2 
10 1 Y 1 P TYR 39 ? CZ  ? B TYR 1  CZ  
11 1 Y 1 P TYR 39 ? OH  ? B TYR 1  OH  
12 1 Y 1 P GLU 40 ? CG  ? B GLU 2  CG  
13 1 Y 1 P GLU 40 ? CD  ? B GLU 2  CD  
14 1 Y 1 P GLU 40 ? OE1 ? B GLU 2  OE1 
15 1 Y 1 P GLU 40 ? OE2 ? B GLU 2  OE2 
16 1 Y 1 P ARG 50 ? CG  ? B ARG 12 CG  
17 1 Y 1 P ARG 50 ? CD  ? B ARG 12 CD  
18 1 Y 1 P ARG 50 ? NE  ? B ARG 12 NE  
19 1 Y 1 P ARG 50 ? CZ  ? B ARG 12 CZ  
20 1 Y 1 P ARG 50 ? NH1 ? B ARG 12 NH1 
21 1 Y 1 P ARG 50 ? NH2 ? B ARG 12 NH2 
# 
loop_
_pdbx_unobs_or_zero_occ_residues.id 
_pdbx_unobs_or_zero_occ_residues.PDB_model_num 
_pdbx_unobs_or_zero_occ_residues.polymer_flag 
_pdbx_unobs_or_zero_occ_residues.occupancy_flag 
_pdbx_unobs_or_zero_occ_residues.auth_asym_id 
_pdbx_unobs_or_zero_occ_residues.auth_comp_id 
_pdbx_unobs_or_zero_occ_residues.auth_seq_id 
_pdbx_unobs_or_zero_occ_residues.PDB_ins_code 
_pdbx_unobs_or_zero_occ_residues.label_asym_id 
_pdbx_unobs_or_zero_occ_residues.label_comp_id 
_pdbx_unobs_or_zero_occ_residues.label_seq_id 
1 1 Y 1 A GLY 55  ? A GLY 1  
2 1 Y 1 A LYS 116 ? A LYS 62 
3 1 Y 1 P PRO 51  ? B PRO 13 
4 1 Y 1 P GLY 52  ? B GLY 14 
5 1 Y 1 P ARG 53  ? B ARG 15 
# 
loop_
_chem_comp_atom.comp_id 
_chem_comp_atom.atom_id 
_chem_comp_atom.type_symbol 
_chem_comp_atom.pdbx_aromatic_flag 
_chem_comp_atom.pdbx_stereo_config 
_chem_comp_atom.pdbx_ordinal 
ALA N    N N N 1   
ALA CA   C N S 2   
ALA C    C N N 3   
ALA O    O N N 4   
ALA CB   C N N 5   
ALA OXT  O N N 6   
ALA H    H N N 7   
ALA H2   H N N 8   
ALA HA   H N N 9   
ALA HB1  H N N 10  
ALA HB2  H N N 11  
ALA HB3  H N N 12  
ALA HXT  H N N 13  
ARG N    N N N 14  
ARG CA   C N S 15  
ARG C    C N N 16  
ARG O    O N N 17  
ARG CB   C N N 18  
ARG CG   C N N 19  
ARG CD   C N N 20  
ARG NE   N N N 21  
ARG CZ   C N N 22  
ARG NH1  N N N 23  
ARG NH2  N N N 24  
ARG OXT  O N N 25  
ARG H    H N N 26  
ARG H2   H N N 27  
ARG HA   H N N 28  
ARG HB2  H N N 29  
ARG HB3  H N N 30  
ARG HG2  H N N 31  
ARG HG3  H N N 32  
ARG HD2  H N N 33  
ARG HD3  H N N 34  
ARG HE   H N N 35  
ARG HH11 H N N 36  
ARG HH12 H N N 37  
ARG HH21 H N N 38  
ARG HH22 H N N 39  
ARG HXT  H N N 40  
ASN N    N N N 41  
ASN CA   C N S 42  
ASN C    C N N 43  
ASN O    O N N 44  
ASN CB   C N N 45  
ASN CG   C N N 46  
ASN OD1  O N N 47  
ASN ND2  N N N 48  
ASN OXT  O N N 49  
ASN H    H N N 50  
ASN H2   H N N 51  
ASN HA   H N N 52  
ASN HB2  H N N 53  
ASN HB3  H N N 54  
ASN HD21 H N N 55  
ASN HD22 H N N 56  
ASN HXT  H N N 57  
ASP N    N N N 58  
ASP CA   C N S 59  
ASP C    C N N 60  
ASP O    O N N 61  
ASP CB   C N N 62  
ASP CG   C N N 63  
ASP OD1  O N N 64  
ASP OD2  O N N 65  
ASP OXT  O N N 66  
ASP H    H N N 67  
ASP H2   H N N 68  
ASP HA   H N N 69  
ASP HB2  H N N 70  
ASP HB3  H N N 71  
ASP HD2  H N N 72  
ASP HXT  H N N 73  
CYS N    N N N 74  
CYS CA   C N R 75  
CYS C    C N N 76  
CYS O    O N N 77  
CYS CB   C N N 78  
CYS SG   S N N 79  
CYS OXT  O N N 80  
CYS H    H N N 81  
CYS H2   H N N 82  
CYS HA   H N N 83  
CYS HB2  H N N 84  
CYS HB3  H N N 85  
CYS HG   H N N 86  
CYS HXT  H N N 87  
GLU N    N N N 88  
GLU CA   C N S 89  
GLU C    C N N 90  
GLU O    O N N 91  
GLU CB   C N N 92  
GLU CG   C N N 93  
GLU CD   C N N 94  
GLU OE1  O N N 95  
GLU OE2  O N N 96  
GLU OXT  O N N 97  
GLU H    H N N 98  
GLU H2   H N N 99  
GLU HA   H N N 100 
GLU HB2  H N N 101 
GLU HB3  H N N 102 
GLU HG2  H N N 103 
GLU HG3  H N N 104 
GLU HE2  H N N 105 
GLU HXT  H N N 106 
GLY N    N N N 107 
GLY CA   C N N 108 
GLY C    C N N 109 
GLY O    O N N 110 
GLY OXT  O N N 111 
GLY H    H N N 112 
GLY H2   H N N 113 
GLY HA2  H N N 114 
GLY HA3  H N N 115 
GLY HXT  H N N 116 
HIS N    N N N 117 
HIS CA   C N S 118 
HIS C    C N N 119 
HIS O    O N N 120 
HIS CB   C N N 121 
HIS CG   C Y N 122 
HIS ND1  N Y N 123 
HIS CD2  C Y N 124 
HIS CE1  C Y N 125 
HIS NE2  N Y N 126 
HIS OXT  O N N 127 
HIS H    H N N 128 
HIS H2   H N N 129 
HIS HA   H N N 130 
HIS HB2  H N N 131 
HIS HB3  H N N 132 
HIS HD1  H N N 133 
HIS HD2  H N N 134 
HIS HE1  H N N 135 
HIS HE2  H N N 136 
HIS HXT  H N N 137 
HOH O    O N N 138 
HOH H1   H N N 139 
HOH H2   H N N 140 
ILE N    N N N 141 
ILE CA   C N S 142 
ILE C    C N N 143 
ILE O    O N N 144 
ILE CB   C N S 145 
ILE CG1  C N N 146 
ILE CG2  C N N 147 
ILE CD1  C N N 148 
ILE OXT  O N N 149 
ILE H    H N N 150 
ILE H2   H N N 151 
ILE HA   H N N 152 
ILE HB   H N N 153 
ILE HG12 H N N 154 
ILE HG13 H N N 155 
ILE HG21 H N N 156 
ILE HG22 H N N 157 
ILE HG23 H N N 158 
ILE HD11 H N N 159 
ILE HD12 H N N 160 
ILE HD13 H N N 161 
ILE HXT  H N N 162 
LEU N    N N N 163 
LEU CA   C N S 164 
LEU C    C N N 165 
LEU O    O N N 166 
LEU CB   C N N 167 
LEU CG   C N N 168 
LEU CD1  C N N 169 
LEU CD2  C N N 170 
LEU OXT  O N N 171 
LEU H    H N N 172 
LEU H2   H N N 173 
LEU HA   H N N 174 
LEU HB2  H N N 175 
LEU HB3  H N N 176 
LEU HG   H N N 177 
LEU HD11 H N N 178 
LEU HD12 H N N 179 
LEU HD13 H N N 180 
LEU HD21 H N N 181 
LEU HD22 H N N 182 
LEU HD23 H N N 183 
LEU HXT  H N N 184 
LYS N    N N N 185 
LYS CA   C N S 186 
LYS C    C N N 187 
LYS O    O N N 188 
LYS CB   C N N 189 
LYS CG   C N N 190 
LYS CD   C N N 191 
LYS CE   C N N 192 
LYS NZ   N N N 193 
LYS OXT  O N N 194 
LYS H    H N N 195 
LYS H2   H N N 196 
LYS HA   H N N 197 
LYS HB2  H N N 198 
LYS HB3  H N N 199 
LYS HG2  H N N 200 
LYS HG3  H N N 201 
LYS HD2  H N N 202 
LYS HD3  H N N 203 
LYS HE2  H N N 204 
LYS HE3  H N N 205 
LYS HZ1  H N N 206 
LYS HZ2  H N N 207 
LYS HZ3  H N N 208 
LYS HXT  H N N 209 
MET N    N N N 210 
MET CA   C N S 211 
MET C    C N N 212 
MET O    O N N 213 
MET CB   C N N 214 
MET CG   C N N 215 
MET SD   S N N 216 
MET CE   C N N 217 
MET OXT  O N N 218 
MET H    H N N 219 
MET H2   H N N 220 
MET HA   H N N 221 
MET HB2  H N N 222 
MET HB3  H N N 223 
MET HG2  H N N 224 
MET HG3  H N N 225 
MET HE1  H N N 226 
MET HE2  H N N 227 
MET HE3  H N N 228 
MET HXT  H N N 229 
MLY N    N N N 230 
MLY CA   C N S 231 
MLY CB   C N N 232 
MLY CG   C N N 233 
MLY CD   C N N 234 
MLY CE   C N N 235 
MLY NZ   N N N 236 
MLY CH1  C N N 237 
MLY CH2  C N N 238 
MLY C    C N N 239 
MLY O    O N N 240 
MLY OXT  O N N 241 
MLY H    H N N 242 
MLY H2   H N N 243 
MLY HA   H N N 244 
MLY HB2  H N N 245 
MLY HB3  H N N 246 
MLY HG2  H N N 247 
MLY HG3  H N N 248 
MLY HD2  H N N 249 
MLY HD3  H N N 250 
MLY HE2  H N N 251 
MLY HE3  H N N 252 
MLY HH11 H N N 253 
MLY HH12 H N N 254 
MLY HH13 H N N 255 
MLY HH21 H N N 256 
MLY HH22 H N N 257 
MLY HH23 H N N 258 
MLY HXT  H N N 259 
PHE N    N N N 260 
PHE CA   C N S 261 
PHE C    C N N 262 
PHE O    O N N 263 
PHE CB   C N N 264 
PHE CG   C Y N 265 
PHE CD1  C Y N 266 
PHE CD2  C Y N 267 
PHE CE1  C Y N 268 
PHE CE2  C Y N 269 
PHE CZ   C Y N 270 
PHE OXT  O N N 271 
PHE H    H N N 272 
PHE H2   H N N 273 
PHE HA   H N N 274 
PHE HB2  H N N 275 
PHE HB3  H N N 276 
PHE HD1  H N N 277 
PHE HD2  H N N 278 
PHE HE1  H N N 279 
PHE HE2  H N N 280 
PHE HZ   H N N 281 
PHE HXT  H N N 282 
PRO N    N N N 283 
PRO CA   C N S 284 
PRO C    C N N 285 
PRO O    O N N 286 
PRO CB   C N N 287 
PRO CG   C N N 288 
PRO CD   C N N 289 
PRO OXT  O N N 290 
PRO H    H N N 291 
PRO HA   H N N 292 
PRO HB2  H N N 293 
PRO HB3  H N N 294 
PRO HG2  H N N 295 
PRO HG3  H N N 296 
PRO HD2  H N N 297 
PRO HD3  H N N 298 
PRO HXT  H N N 299 
SER N    N N N 300 
SER CA   C N S 301 
SER C    C N N 302 
SER O    O N N 303 
SER CB   C N N 304 
SER OG   O N N 305 
SER OXT  O N N 306 
SER H    H N N 307 
SER H2   H N N 308 
SER HA   H N N 309 
SER HB2  H N N 310 
SER HB3  H N N 311 
SER HG   H N N 312 
SER HXT  H N N 313 
THR N    N N N 314 
THR CA   C N S 315 
THR C    C N N 316 
THR O    O N N 317 
THR CB   C N R 318 
THR OG1  O N N 319 
THR CG2  C N N 320 
THR OXT  O N N 321 
THR H    H N N 322 
THR H2   H N N 323 
THR HA   H N N 324 
THR HB   H N N 325 
THR HG1  H N N 326 
THR HG21 H N N 327 
THR HG22 H N N 328 
THR HG23 H N N 329 
THR HXT  H N N 330 
TRP N    N N N 331 
TRP CA   C N S 332 
TRP C    C N N 333 
TRP O    O N N 334 
TRP CB   C N N 335 
TRP CG   C Y N 336 
TRP CD1  C Y N 337 
TRP CD2  C Y N 338 
TRP NE1  N Y N 339 
TRP CE2  C Y N 340 
TRP CE3  C Y N 341 
TRP CZ2  C Y N 342 
TRP CZ3  C Y N 343 
TRP CH2  C Y N 344 
TRP OXT  O N N 345 
TRP H    H N N 346 
TRP H2   H N N 347 
TRP HA   H N N 348 
TRP HB2  H N N 349 
TRP HB3  H N N 350 
TRP HD1  H N N 351 
TRP HE1  H N N 352 
TRP HE3  H N N 353 
TRP HZ2  H N N 354 
TRP HZ3  H N N 355 
TRP HH2  H N N 356 
TRP HXT  H N N 357 
TYR N    N N N 358 
TYR CA   C N S 359 
TYR C    C N N 360 
TYR O    O N N 361 
TYR CB   C N N 362 
TYR CG   C Y N 363 
TYR CD1  C Y N 364 
TYR CD2  C Y N 365 
TYR CE1  C Y N 366 
TYR CE2  C Y N 367 
TYR CZ   C Y N 368 
TYR OH   O N N 369 
TYR OXT  O N N 370 
TYR H    H N N 371 
TYR H2   H N N 372 
TYR HA   H N N 373 
TYR HB2  H N N 374 
TYR HB3  H N N 375 
TYR HD1  H N N 376 
TYR HD2  H N N 377 
TYR HE1  H N N 378 
TYR HE2  H N N 379 
TYR HH   H N N 380 
TYR HXT  H N N 381 
VAL N    N N N 382 
VAL CA   C N S 383 
VAL C    C N N 384 
VAL O    O N N 385 
VAL CB   C N N 386 
VAL CG1  C N N 387 
VAL CG2  C N N 388 
VAL OXT  O N N 389 
VAL H    H N N 390 
VAL H2   H N N 391 
VAL HA   H N N 392 
VAL HB   H N N 393 
VAL HG11 H N N 394 
VAL HG12 H N N 395 
VAL HG13 H N N 396 
VAL HG21 H N N 397 
VAL HG22 H N N 398 
VAL HG23 H N N 399 
VAL HXT  H N N 400 
# 
loop_
_chem_comp_bond.comp_id 
_chem_comp_bond.atom_id_1 
_chem_comp_bond.atom_id_2 
_chem_comp_bond.value_order 
_chem_comp_bond.pdbx_aromatic_flag 
_chem_comp_bond.pdbx_stereo_config 
_chem_comp_bond.pdbx_ordinal 
ALA N   CA   sing N N 1   
ALA N   H    sing N N 2   
ALA N   H2   sing N N 3   
ALA CA  C    sing N N 4   
ALA CA  CB   sing N N 5   
ALA CA  HA   sing N N 6   
ALA C   O    doub N N 7   
ALA C   OXT  sing N N 8   
ALA CB  HB1  sing N N 9   
ALA CB  HB2  sing N N 10  
ALA CB  HB3  sing N N 11  
ALA OXT HXT  sing N N 12  
ARG N   CA   sing N N 13  
ARG N   H    sing N N 14  
ARG N   H2   sing N N 15  
ARG CA  C    sing N N 16  
ARG CA  CB   sing N N 17  
ARG CA  HA   sing N N 18  
ARG C   O    doub N N 19  
ARG C   OXT  sing N N 20  
ARG CB  CG   sing N N 21  
ARG CB  HB2  sing N N 22  
ARG CB  HB3  sing N N 23  
ARG CG  CD   sing N N 24  
ARG CG  HG2  sing N N 25  
ARG CG  HG3  sing N N 26  
ARG CD  NE   sing N N 27  
ARG CD  HD2  sing N N 28  
ARG CD  HD3  sing N N 29  
ARG NE  CZ   sing N N 30  
ARG NE  HE   sing N N 31  
ARG CZ  NH1  sing N N 32  
ARG CZ  NH2  doub N N 33  
ARG NH1 HH11 sing N N 34  
ARG NH1 HH12 sing N N 35  
ARG NH2 HH21 sing N N 36  
ARG NH2 HH22 sing N N 37  
ARG OXT HXT  sing N N 38  
ASN N   CA   sing N N 39  
ASN N   H    sing N N 40  
ASN N   H2   sing N N 41  
ASN CA  C    sing N N 42  
ASN CA  CB   sing N N 43  
ASN CA  HA   sing N N 44  
ASN C   O    doub N N 45  
ASN C   OXT  sing N N 46  
ASN CB  CG   sing N N 47  
ASN CB  HB2  sing N N 48  
ASN CB  HB3  sing N N 49  
ASN CG  OD1  doub N N 50  
ASN CG  ND2  sing N N 51  
ASN ND2 HD21 sing N N 52  
ASN ND2 HD22 sing N N 53  
ASN OXT HXT  sing N N 54  
ASP N   CA   sing N N 55  
ASP N   H    sing N N 56  
ASP N   H2   sing N N 57  
ASP CA  C    sing N N 58  
ASP CA  CB   sing N N 59  
ASP CA  HA   sing N N 60  
ASP C   O    doub N N 61  
ASP C   OXT  sing N N 62  
ASP CB  CG   sing N N 63  
ASP CB  HB2  sing N N 64  
ASP CB  HB3  sing N N 65  
ASP CG  OD1  doub N N 66  
ASP CG  OD2  sing N N 67  
ASP OD2 HD2  sing N N 68  
ASP OXT HXT  sing N N 69  
CYS N   CA   sing N N 70  
CYS N   H    sing N N 71  
CYS N   H2   sing N N 72  
CYS CA  C    sing N N 73  
CYS CA  CB   sing N N 74  
CYS CA  HA   sing N N 75  
CYS C   O    doub N N 76  
CYS C   OXT  sing N N 77  
CYS CB  SG   sing N N 78  
CYS CB  HB2  sing N N 79  
CYS CB  HB3  sing N N 80  
CYS SG  HG   sing N N 81  
CYS OXT HXT  sing N N 82  
GLU N   CA   sing N N 83  
GLU N   H    sing N N 84  
GLU N   H2   sing N N 85  
GLU CA  C    sing N N 86  
GLU CA  CB   sing N N 87  
GLU CA  HA   sing N N 88  
GLU C   O    doub N N 89  
GLU C   OXT  sing N N 90  
GLU CB  CG   sing N N 91  
GLU CB  HB2  sing N N 92  
GLU CB  HB3  sing N N 93  
GLU CG  CD   sing N N 94  
GLU CG  HG2  sing N N 95  
GLU CG  HG3  sing N N 96  
GLU CD  OE1  doub N N 97  
GLU CD  OE2  sing N N 98  
GLU OE2 HE2  sing N N 99  
GLU OXT HXT  sing N N 100 
GLY N   CA   sing N N 101 
GLY N   H    sing N N 102 
GLY N   H2   sing N N 103 
GLY CA  C    sing N N 104 
GLY CA  HA2  sing N N 105 
GLY CA  HA3  sing N N 106 
GLY C   O    doub N N 107 
GLY C   OXT  sing N N 108 
GLY OXT HXT  sing N N 109 
HIS N   CA   sing N N 110 
HIS N   H    sing N N 111 
HIS N   H2   sing N N 112 
HIS CA  C    sing N N 113 
HIS CA  CB   sing N N 114 
HIS CA  HA   sing N N 115 
HIS C   O    doub N N 116 
HIS C   OXT  sing N N 117 
HIS CB  CG   sing N N 118 
HIS CB  HB2  sing N N 119 
HIS CB  HB3  sing N N 120 
HIS CG  ND1  sing Y N 121 
HIS CG  CD2  doub Y N 122 
HIS ND1 CE1  doub Y N 123 
HIS ND1 HD1  sing N N 124 
HIS CD2 NE2  sing Y N 125 
HIS CD2 HD2  sing N N 126 
HIS CE1 NE2  sing Y N 127 
HIS CE1 HE1  sing N N 128 
HIS NE2 HE2  sing N N 129 
HIS OXT HXT  sing N N 130 
HOH O   H1   sing N N 131 
HOH O   H2   sing N N 132 
ILE N   CA   sing N N 133 
ILE N   H    sing N N 134 
ILE N   H2   sing N N 135 
ILE CA  C    sing N N 136 
ILE CA  CB   sing N N 137 
ILE CA  HA   sing N N 138 
ILE C   O    doub N N 139 
ILE C   OXT  sing N N 140 
ILE CB  CG1  sing N N 141 
ILE CB  CG2  sing N N 142 
ILE CB  HB   sing N N 143 
ILE CG1 CD1  sing N N 144 
ILE CG1 HG12 sing N N 145 
ILE CG1 HG13 sing N N 146 
ILE CG2 HG21 sing N N 147 
ILE CG2 HG22 sing N N 148 
ILE CG2 HG23 sing N N 149 
ILE CD1 HD11 sing N N 150 
ILE CD1 HD12 sing N N 151 
ILE CD1 HD13 sing N N 152 
ILE OXT HXT  sing N N 153 
LEU N   CA   sing N N 154 
LEU N   H    sing N N 155 
LEU N   H2   sing N N 156 
LEU CA  C    sing N N 157 
LEU CA  CB   sing N N 158 
LEU CA  HA   sing N N 159 
LEU C   O    doub N N 160 
LEU C   OXT  sing N N 161 
LEU CB  CG   sing N N 162 
LEU CB  HB2  sing N N 163 
LEU CB  HB3  sing N N 164 
LEU CG  CD1  sing N N 165 
LEU CG  CD2  sing N N 166 
LEU CG  HG   sing N N 167 
LEU CD1 HD11 sing N N 168 
LEU CD1 HD12 sing N N 169 
LEU CD1 HD13 sing N N 170 
LEU CD2 HD21 sing N N 171 
LEU CD2 HD22 sing N N 172 
LEU CD2 HD23 sing N N 173 
LEU OXT HXT  sing N N 174 
LYS N   CA   sing N N 175 
LYS N   H    sing N N 176 
LYS N   H2   sing N N 177 
LYS CA  C    sing N N 178 
LYS CA  CB   sing N N 179 
LYS CA  HA   sing N N 180 
LYS C   O    doub N N 181 
LYS C   OXT  sing N N 182 
LYS CB  CG   sing N N 183 
LYS CB  HB2  sing N N 184 
LYS CB  HB3  sing N N 185 
LYS CG  CD   sing N N 186 
LYS CG  HG2  sing N N 187 
LYS CG  HG3  sing N N 188 
LYS CD  CE   sing N N 189 
LYS CD  HD2  sing N N 190 
LYS CD  HD3  sing N N 191 
LYS CE  NZ   sing N N 192 
LYS CE  HE2  sing N N 193 
LYS CE  HE3  sing N N 194 
LYS NZ  HZ1  sing N N 195 
LYS NZ  HZ2  sing N N 196 
LYS NZ  HZ3  sing N N 197 
LYS OXT HXT  sing N N 198 
MET N   CA   sing N N 199 
MET N   H    sing N N 200 
MET N   H2   sing N N 201 
MET CA  C    sing N N 202 
MET CA  CB   sing N N 203 
MET CA  HA   sing N N 204 
MET C   O    doub N N 205 
MET C   OXT  sing N N 206 
MET CB  CG   sing N N 207 
MET CB  HB2  sing N N 208 
MET CB  HB3  sing N N 209 
MET CG  SD   sing N N 210 
MET CG  HG2  sing N N 211 
MET CG  HG3  sing N N 212 
MET SD  CE   sing N N 213 
MET CE  HE1  sing N N 214 
MET CE  HE2  sing N N 215 
MET CE  HE3  sing N N 216 
MET OXT HXT  sing N N 217 
MLY N   CA   sing N N 218 
MLY N   H    sing N N 219 
MLY N   H2   sing N N 220 
MLY CA  CB   sing N N 221 
MLY CA  C    sing N N 222 
MLY CA  HA   sing N N 223 
MLY CB  CG   sing N N 224 
MLY CB  HB2  sing N N 225 
MLY CB  HB3  sing N N 226 
MLY CG  CD   sing N N 227 
MLY CG  HG2  sing N N 228 
MLY CG  HG3  sing N N 229 
MLY CD  CE   sing N N 230 
MLY CD  HD2  sing N N 231 
MLY CD  HD3  sing N N 232 
MLY CE  NZ   sing N N 233 
MLY CE  HE2  sing N N 234 
MLY CE  HE3  sing N N 235 
MLY NZ  CH1  sing N N 236 
MLY NZ  CH2  sing N N 237 
MLY CH1 HH11 sing N N 238 
MLY CH1 HH12 sing N N 239 
MLY CH1 HH13 sing N N 240 
MLY CH2 HH21 sing N N 241 
MLY CH2 HH22 sing N N 242 
MLY CH2 HH23 sing N N 243 
MLY C   O    doub N N 244 
MLY C   OXT  sing N N 245 
MLY OXT HXT  sing N N 246 
PHE N   CA   sing N N 247 
PHE N   H    sing N N 248 
PHE N   H2   sing N N 249 
PHE CA  C    sing N N 250 
PHE CA  CB   sing N N 251 
PHE CA  HA   sing N N 252 
PHE C   O    doub N N 253 
PHE C   OXT  sing N N 254 
PHE CB  CG   sing N N 255 
PHE CB  HB2  sing N N 256 
PHE CB  HB3  sing N N 257 
PHE CG  CD1  doub Y N 258 
PHE CG  CD2  sing Y N 259 
PHE CD1 CE1  sing Y N 260 
PHE CD1 HD1  sing N N 261 
PHE CD2 CE2  doub Y N 262 
PHE CD2 HD2  sing N N 263 
PHE CE1 CZ   doub Y N 264 
PHE CE1 HE1  sing N N 265 
PHE CE2 CZ   sing Y N 266 
PHE CE2 HE2  sing N N 267 
PHE CZ  HZ   sing N N 268 
PHE OXT HXT  sing N N 269 
PRO N   CA   sing N N 270 
PRO N   CD   sing N N 271 
PRO N   H    sing N N 272 
PRO CA  C    sing N N 273 
PRO CA  CB   sing N N 274 
PRO CA  HA   sing N N 275 
PRO C   O    doub N N 276 
PRO C   OXT  sing N N 277 
PRO CB  CG   sing N N 278 
PRO CB  HB2  sing N N 279 
PRO CB  HB3  sing N N 280 
PRO CG  CD   sing N N 281 
PRO CG  HG2  sing N N 282 
PRO CG  HG3  sing N N 283 
PRO CD  HD2  sing N N 284 
PRO CD  HD3  sing N N 285 
PRO OXT HXT  sing N N 286 
SER N   CA   sing N N 287 
SER N   H    sing N N 288 
SER N   H2   sing N N 289 
SER CA  C    sing N N 290 
SER CA  CB   sing N N 291 
SER CA  HA   sing N N 292 
SER C   O    doub N N 293 
SER C   OXT  sing N N 294 
SER CB  OG   sing N N 295 
SER CB  HB2  sing N N 296 
SER CB  HB3  sing N N 297 
SER OG  HG   sing N N 298 
SER OXT HXT  sing N N 299 
THR N   CA   sing N N 300 
THR N   H    sing N N 301 
THR N   H2   sing N N 302 
THR CA  C    sing N N 303 
THR CA  CB   sing N N 304 
THR CA  HA   sing N N 305 
THR C   O    doub N N 306 
THR C   OXT  sing N N 307 
THR CB  OG1  sing N N 308 
THR CB  CG2  sing N N 309 
THR CB  HB   sing N N 310 
THR OG1 HG1  sing N N 311 
THR CG2 HG21 sing N N 312 
THR CG2 HG22 sing N N 313 
THR CG2 HG23 sing N N 314 
THR OXT HXT  sing N N 315 
TRP N   CA   sing N N 316 
TRP N   H    sing N N 317 
TRP N   H2   sing N N 318 
TRP CA  C    sing N N 319 
TRP CA  CB   sing N N 320 
TRP CA  HA   sing N N 321 
TRP C   O    doub N N 322 
TRP C   OXT  sing N N 323 
TRP CB  CG   sing N N 324 
TRP CB  HB2  sing N N 325 
TRP CB  HB3  sing N N 326 
TRP CG  CD1  doub Y N 327 
TRP CG  CD2  sing Y N 328 
TRP CD1 NE1  sing Y N 329 
TRP CD1 HD1  sing N N 330 
TRP CD2 CE2  doub Y N 331 
TRP CD2 CE3  sing Y N 332 
TRP NE1 CE2  sing Y N 333 
TRP NE1 HE1  sing N N 334 
TRP CE2 CZ2  sing Y N 335 
TRP CE3 CZ3  doub Y N 336 
TRP CE3 HE3  sing N N 337 
TRP CZ2 CH2  doub Y N 338 
TRP CZ2 HZ2  sing N N 339 
TRP CZ3 CH2  sing Y N 340 
TRP CZ3 HZ3  sing N N 341 
TRP CH2 HH2  sing N N 342 
TRP OXT HXT  sing N N 343 
TYR N   CA   sing N N 344 
TYR N   H    sing N N 345 
TYR N   H2   sing N N 346 
TYR CA  C    sing N N 347 
TYR CA  CB   sing N N 348 
TYR CA  HA   sing N N 349 
TYR C   O    doub N N 350 
TYR C   OXT  sing N N 351 
TYR CB  CG   sing N N 352 
TYR CB  HB2  sing N N 353 
TYR CB  HB3  sing N N 354 
TYR CG  CD1  doub Y N 355 
TYR CG  CD2  sing Y N 356 
TYR CD1 CE1  sing Y N 357 
TYR CD1 HD1  sing N N 358 
TYR CD2 CE2  doub Y N 359 
TYR CD2 HD2  sing N N 360 
TYR CE1 CZ   doub Y N 361 
TYR CE1 HE1  sing N N 362 
TYR CE2 CZ   sing Y N 363 
TYR CE2 HE2  sing N N 364 
TYR CZ  OH   sing N N 365 
TYR OH  HH   sing N N 366 
TYR OXT HXT  sing N N 367 
VAL N   CA   sing N N 368 
VAL N   H    sing N N 369 
VAL N   H2   sing N N 370 
VAL CA  C    sing N N 371 
VAL CA  CB   sing N N 372 
VAL CA  HA   sing N N 373 
VAL C   O    doub N N 374 
VAL C   OXT  sing N N 375 
VAL CB  CG1  sing N N 376 
VAL CB  CG2  sing N N 377 
VAL CB  HB   sing N N 378 
VAL CG1 HG11 sing N N 379 
VAL CG1 HG12 sing N N 380 
VAL CG1 HG13 sing N N 381 
VAL CG2 HG21 sing N N 382 
VAL CG2 HG22 sing N N 383 
VAL CG2 HG23 sing N N 384 
VAL OXT HXT  sing N N 385 
# 
_pdbx_entity_nonpoly.entity_id   3 
_pdbx_entity_nonpoly.name        water 
_pdbx_entity_nonpoly.comp_id     HOH 
# 
_pdbx_initial_refinement_model.id               1 
_pdbx_initial_refinement_model.entity_id_list   ? 
_pdbx_initial_refinement_model.type             'experimental model' 
_pdbx_initial_refinement_model.source_name      PDB 
_pdbx_initial_refinement_model.accession_code   3QO2 
_pdbx_initial_refinement_model.details          'PDB entry 3QO2' 
# 
